data_8UJG
#
_entry.id   8UJG
#
_cell.length_a   66.614
_cell.length_b   122.624
_cell.length_c   165.655
_cell.angle_alpha   90.000
_cell.angle_beta   90.000
_cell.angle_gamma   90.000
#
_symmetry.space_group_name_H-M   'P 21 21 21'
#
loop_
_entity.id
_entity.type
_entity.pdbx_description
1 polymer 'Glycosyl transferase'
2 polymer 'SAG-related sequence SRS13'
3 non-polymer 'MANGANESE (II) ION'
4 non-polymer "URIDINE-5'-DIPHOSPHATE"
5 non-polymer GLYCEROL
6 non-polymer DI(HYDROXYETHYL)ETHER
7 non-polymer 2-acetamido-2-deoxy-alpha-D-galactopyranose
8 water water
#
loop_
_entity_poly.entity_id
_entity_poly.type
_entity_poly.pdbx_seq_one_letter_code
_entity_poly.pdbx_strand_id
1 'polypeptide(L)'
;GARDVQEGVSSFEESGGAQLPPRVHALEVLEGAGPGRLHGRLGIKPDGQPGYTRAPSPPTDLSMPQALARGGGFNLYLSD
HLELDRTAPDARHASCRQLHYDLSTLPKASVIIVFYNEPFSTLMRSVHSVLNGTPPQILEELILVDDGSTLPYIREDGNQ
QLVEYLKLLPAKVRLIRNEVRKGIVGARMKGIRASRAPIFAILDSHIEVSPQWLEPLLLRIKEDSRRVVMPQIDGIDAET
FKHIAGGIGCKLGFLWKLMEHSYEGHQTARLPPEERQPSPTDFQTSPAMAGGLFAANKAFFFDVGAYDEDFQFWGTENLE
LSFRLWQCGGVLECAPCSRVYHIFRKGGSGYSSPGDSITINKMRTMLWMDEYADLAWRVIGKPRVNYRPESLEKRREWRK
RKGCKSFRWFMENVFPEGDVVTLDDVPYLGPLRNDKIGMCLDNMGWASPGHAVGLEYCHGGDTQTFMFFRKVGHVMPVND
DEACLQPSGRLDWCRGTAQFWWDFTSSGQLMFRETKQCLSAFGRKLRMVECDDTDPYQIWSWTAYNPPDTFTFPSVSRSI
RSG
;
A,B
2 'polypeptide(L)' PETTTVAPPAKTQPETTTV D
#
loop_
_chem_comp.id
_chem_comp.type
_chem_comp.name
_chem_comp.formula
A2G D-saccharide, alpha linking 2-acetamido-2-deoxy-alpha-D-galactopyranose 'C8 H15 N O6'
GOL non-polymer GLYCEROL 'C3 H8 O3'
MN non-polymer 'MANGANESE (II) ION' 'Mn 2'
PEG non-polymer DI(HYDROXYETHYL)ETHER 'C4 H10 O3'
UDP RNA linking URIDINE-5'-DIPHOSPHATE 'C9 H14 N2 O12 P2'
#
# COMPACT_ATOMS: atom_id res chain seq x y z
N LEU A 27 31.34 -31.09 -10.68
CA LEU A 27 31.03 -31.63 -11.99
C LEU A 27 30.18 -30.67 -12.81
N GLU A 28 30.75 -29.53 -13.19
CA GLU A 28 30.00 -28.58 -14.00
C GLU A 28 30.05 -28.95 -15.48
N VAL A 29 30.68 -30.09 -15.80
CA VAL A 29 30.75 -30.63 -17.14
C VAL A 29 29.49 -31.45 -17.38
N LEU A 30 29.08 -31.56 -18.64
CA LEU A 30 27.84 -32.26 -19.00
C LEU A 30 28.08 -33.18 -20.19
N GLU A 31 28.17 -34.48 -19.93
CA GLU A 31 28.40 -35.48 -20.98
C GLU A 31 27.08 -36.00 -21.51
N GLY A 32 26.88 -35.85 -22.82
CA GLY A 32 25.67 -36.28 -23.47
C GLY A 32 24.72 -35.17 -23.82
N ALA A 33 25.17 -33.92 -23.82
CA ALA A 33 24.28 -32.79 -24.04
C ALA A 33 23.76 -32.78 -25.46
N GLY A 34 22.44 -32.62 -25.59
CA GLY A 34 21.78 -32.52 -26.87
C GLY A 34 20.34 -32.11 -26.67
N PRO A 35 19.58 -31.97 -27.76
CA PRO A 35 18.15 -31.67 -27.61
C PRO A 35 17.47 -32.72 -26.76
N GLY A 36 16.65 -32.26 -25.82
CA GLY A 36 15.99 -33.12 -24.86
C GLY A 36 16.79 -33.39 -23.60
N ARG A 37 18.05 -32.98 -23.56
CA ARG A 37 18.91 -33.15 -22.39
C ARG A 37 20.03 -32.12 -22.47
N LEU A 38 19.69 -30.85 -22.32
CA LEU A 38 20.63 -29.76 -22.55
C LEU A 38 21.73 -29.72 -21.50
N HIS A 39 21.57 -30.43 -20.38
CA HIS A 39 22.58 -30.52 -19.34
C HIS A 39 23.27 -31.89 -19.31
N GLY A 40 23.09 -32.70 -20.35
CA GLY A 40 23.71 -34.01 -20.41
C GLY A 40 22.86 -35.09 -19.75
N ARG A 41 23.34 -36.33 -19.85
CA ARG A 41 22.66 -37.46 -19.21
C ARG A 41 22.76 -37.31 -17.69
N LEU A 42 21.61 -37.24 -17.04
CA LEU A 42 21.52 -36.95 -15.62
C LEU A 42 21.33 -38.23 -14.82
N GLY A 43 21.88 -38.23 -13.61
CA GLY A 43 21.68 -39.35 -12.70
C GLY A 43 22.21 -40.68 -13.18
N ILE A 44 23.41 -40.68 -13.76
CA ILE A 44 24.07 -41.91 -14.21
C ILE A 44 25.23 -42.18 -13.27
N LYS A 45 25.30 -43.42 -12.76
CA LYS A 45 26.38 -43.80 -11.86
C LYS A 45 27.69 -43.99 -12.63
N PRO A 46 28.82 -44.03 -11.93
CA PRO A 46 30.10 -44.29 -12.61
C PRO A 46 30.05 -45.50 -13.54
N ASP A 47 29.35 -46.56 -13.15
CA ASP A 47 29.27 -47.78 -13.94
C ASP A 47 28.22 -47.70 -15.06
N GLY A 48 27.69 -46.51 -15.35
CA GLY A 48 26.75 -46.35 -16.45
C GLY A 48 25.33 -46.77 -16.15
N GLN A 49 24.98 -47.03 -14.87
CA GLN A 49 23.63 -47.40 -14.49
C GLN A 49 22.92 -46.22 -13.84
N PRO A 50 21.60 -46.13 -13.96
CA PRO A 50 20.87 -45.03 -13.30
C PRO A 50 21.03 -45.10 -11.79
N GLY A 51 21.11 -43.93 -11.17
CA GLY A 51 21.27 -43.82 -9.74
C GLY A 51 20.04 -44.11 -8.91
N TYR A 52 18.98 -44.61 -9.52
CA TYR A 52 17.77 -44.98 -8.79
C TYR A 52 17.02 -46.03 -9.58
N THR A 53 16.30 -46.89 -8.86
CA THR A 53 15.59 -48.01 -9.47
C THR A 53 14.11 -47.65 -9.63
N ARG A 54 13.68 -47.54 -10.89
CA ARG A 54 12.26 -47.34 -11.18
C ARG A 54 11.44 -48.49 -10.60
N ALA A 55 10.23 -48.15 -10.16
CA ALA A 55 9.34 -49.15 -9.58
C ALA A 55 8.63 -49.93 -10.68
N PRO A 56 8.16 -51.13 -10.38
CA PRO A 56 7.36 -51.88 -11.37
C PRO A 56 6.04 -51.19 -11.63
N SER A 57 5.35 -51.66 -12.66
CA SER A 57 4.05 -51.11 -12.99
C SER A 57 3.15 -51.20 -11.75
N PRO A 58 2.27 -50.22 -11.53
CA PRO A 58 1.43 -50.24 -10.32
C PRO A 58 0.67 -51.55 -10.21
N PRO A 59 0.39 -52.00 -8.98
CA PRO A 59 -0.39 -53.24 -8.83
C PRO A 59 -1.72 -53.15 -9.58
N THR A 60 -2.16 -54.30 -10.08
CA THR A 60 -3.38 -54.33 -10.88
C THR A 60 -4.63 -54.10 -10.02
N ASP A 61 -4.57 -54.50 -8.74
CA ASP A 61 -5.70 -54.33 -7.82
C ASP A 61 -5.62 -53.02 -7.05
N LEU A 62 -5.00 -51.99 -7.63
CA LEU A 62 -4.81 -50.73 -6.93
C LEU A 62 -6.14 -50.02 -6.72
N SER A 63 -6.42 -49.64 -5.48
CA SER A 63 -7.60 -48.86 -5.13
C SER A 63 -7.22 -47.38 -5.23
N MET A 64 -7.69 -46.71 -6.28
CA MET A 64 -7.19 -45.37 -6.57
C MET A 64 -7.52 -44.37 -5.48
N PRO A 65 -8.77 -44.25 -5.00
CA PRO A 65 -9.04 -43.29 -3.92
C PRO A 65 -8.13 -43.47 -2.72
N GLN A 66 -7.66 -44.69 -2.47
CA GLN A 66 -6.74 -44.92 -1.36
C GLN A 66 -5.34 -44.46 -1.72
N ALA A 67 -4.80 -44.95 -2.84
CA ALA A 67 -3.44 -44.58 -3.26
C ALA A 67 -3.26 -43.07 -3.29
N LEU A 68 -4.27 -42.33 -3.75
CA LEU A 68 -4.18 -40.88 -3.76
C LEU A 68 -4.02 -40.33 -2.34
N ALA A 69 -4.79 -40.87 -1.39
CA ALA A 69 -4.67 -40.42 -0.01
C ALA A 69 -3.32 -40.81 0.59
N ARG A 70 -2.80 -41.98 0.21
N ARG A 70 -2.80 -41.97 0.21
CA ARG A 70 -1.50 -42.41 0.71
CA ARG A 70 -1.50 -42.43 0.70
C ARG A 70 -0.33 -41.84 -0.08
C ARG A 70 -0.34 -41.86 -0.09
N GLY A 71 -0.60 -41.19 -1.22
CA GLY A 71 0.42 -40.56 -2.01
C GLY A 71 0.47 -39.05 -1.90
N GLY A 72 -0.25 -38.46 -0.95
CA GLY A 72 -0.24 -37.02 -0.79
C GLY A 72 -0.91 -36.26 -1.91
N GLY A 73 -1.93 -36.85 -2.54
CA GLY A 73 -2.69 -36.18 -3.56
C GLY A 73 -2.46 -36.69 -4.97
N PHE A 74 -1.58 -37.66 -5.18
CA PHE A 74 -1.39 -38.23 -6.50
C PHE A 74 -0.95 -39.68 -6.38
N ASN A 75 -1.05 -40.39 -7.50
CA ASN A 75 -0.74 -41.82 -7.57
C ASN A 75 0.77 -42.00 -7.55
N LEU A 76 1.32 -42.36 -6.39
CA LEU A 76 2.76 -42.52 -6.25
C LEU A 76 3.25 -43.85 -6.83
N TYR A 77 2.40 -44.88 -6.84
CA TYR A 77 2.77 -46.13 -7.48
C TYR A 77 3.14 -45.88 -8.94
N LEU A 78 2.38 -45.03 -9.62
CA LEU A 78 2.65 -44.73 -11.02
C LEU A 78 3.82 -43.77 -11.17
N SER A 79 3.89 -42.74 -10.33
CA SER A 79 5.02 -41.82 -10.38
C SER A 79 6.34 -42.56 -10.21
N ASP A 80 6.40 -43.48 -9.25
CA ASP A 80 7.63 -44.24 -9.04
C ASP A 80 7.96 -45.12 -10.23
N HIS A 81 6.95 -45.51 -11.01
CA HIS A 81 7.18 -46.36 -12.17
C HIS A 81 7.63 -45.55 -13.38
N LEU A 82 7.25 -44.28 -13.47
CA LEU A 82 7.59 -43.45 -14.61
C LEU A 82 9.04 -42.98 -14.52
N GLU A 83 9.62 -42.72 -15.70
CA GLU A 83 11.01 -42.29 -15.78
C GLU A 83 11.15 -40.84 -15.31
N LEU A 84 12.34 -40.52 -14.81
CA LEU A 84 12.63 -39.13 -14.45
C LEU A 84 12.82 -38.26 -15.68
N ASP A 85 13.32 -38.84 -16.79
CA ASP A 85 13.45 -38.12 -18.05
C ASP A 85 12.22 -38.27 -18.92
N ARG A 86 11.04 -38.40 -18.31
CA ARG A 86 9.80 -38.57 -19.06
C ARG A 86 9.61 -37.44 -20.05
N THR A 87 9.36 -37.81 -21.30
CA THR A 87 9.10 -36.84 -22.36
C THR A 87 7.67 -36.31 -22.22
N ALA A 88 7.53 -34.99 -22.31
CA ALA A 88 6.23 -34.36 -22.25
C ALA A 88 5.85 -33.77 -23.59
N PRO A 89 4.56 -33.71 -23.93
CA PRO A 89 4.15 -33.01 -25.15
C PRO A 89 4.42 -31.52 -25.06
N ASP A 90 4.70 -30.92 -26.20
CA ASP A 90 4.89 -29.47 -26.30
C ASP A 90 3.52 -28.80 -26.26
N ALA A 91 3.18 -28.19 -25.13
CA ALA A 91 1.88 -27.56 -24.95
C ALA A 91 1.81 -26.15 -25.53
N ARG A 92 2.88 -25.68 -26.15
CA ARG A 92 2.92 -24.33 -26.69
C ARG A 92 2.11 -24.23 -27.98
N HIS A 93 1.54 -23.05 -28.22
CA HIS A 93 0.90 -22.78 -29.48
C HIS A 93 1.95 -22.78 -30.59
N ALA A 94 1.56 -23.26 -31.77
CA ALA A 94 2.52 -23.43 -32.86
C ALA A 94 3.32 -22.16 -33.11
N SER A 95 2.66 -21.00 -33.01
CA SER A 95 3.34 -19.73 -33.26
C SER A 95 4.40 -19.42 -32.20
N CYS A 96 4.33 -20.04 -31.02
CA CYS A 96 5.34 -19.79 -30.00
C CYS A 96 6.70 -20.35 -30.42
N ARG A 97 6.73 -21.39 -31.25
CA ARG A 97 7.98 -21.98 -31.68
C ARG A 97 8.66 -21.15 -32.76
N GLN A 98 7.93 -20.25 -33.41
CA GLN A 98 8.48 -19.37 -34.44
C GLN A 98 9.25 -18.20 -33.85
N LEU A 99 9.46 -18.18 -32.54
CA LEU A 99 10.20 -17.13 -31.87
C LEU A 99 11.66 -17.56 -31.69
N HIS A 100 12.56 -16.58 -31.76
CA HIS A 100 13.99 -16.84 -31.67
C HIS A 100 14.54 -16.08 -30.48
N TYR A 101 15.45 -16.72 -29.73
CA TYR A 101 16.07 -16.12 -28.56
C TYR A 101 17.58 -16.21 -28.68
N ASP A 102 18.26 -15.16 -28.23
CA ASP A 102 19.72 -15.07 -28.26
C ASP A 102 20.22 -15.35 -26.85
N LEU A 103 20.58 -16.62 -26.60
CA LEU A 103 20.95 -17.04 -25.26
C LEU A 103 22.17 -16.30 -24.72
N SER A 104 22.96 -15.68 -25.60
CA SER A 104 24.14 -14.94 -25.16
C SER A 104 23.77 -13.59 -24.57
N THR A 105 22.68 -12.99 -25.04
CA THR A 105 22.25 -11.67 -24.57
C THR A 105 21.23 -11.74 -23.43
N LEU A 106 20.73 -12.92 -23.11
CA LEU A 106 19.75 -13.05 -22.04
C LEU A 106 20.46 -13.10 -20.68
N PRO A 107 19.88 -12.50 -19.65
CA PRO A 107 20.45 -12.64 -18.31
C PRO A 107 20.21 -14.04 -17.77
N LYS A 108 21.11 -14.47 -16.90
CA LYS A 108 20.96 -15.79 -16.28
C LYS A 108 19.91 -15.74 -15.19
N ALA A 109 19.38 -16.91 -14.86
CA ALA A 109 18.37 -17.04 -13.83
C ALA A 109 18.71 -18.20 -12.90
N SER A 110 18.31 -18.05 -11.65
CA SER A 110 18.41 -19.10 -10.65
C SER A 110 17.03 -19.71 -10.44
N VAL A 111 16.90 -21.00 -10.73
CA VAL A 111 15.64 -21.71 -10.54
C VAL A 111 15.60 -22.24 -9.12
N ILE A 112 14.48 -21.98 -8.43
CA ILE A 112 14.31 -22.35 -7.04
C ILE A 112 13.14 -23.31 -6.94
N ILE A 113 13.36 -24.44 -6.28
CA ILE A 113 12.32 -25.43 -6.02
C ILE A 113 12.35 -25.73 -4.53
N VAL A 114 11.32 -25.31 -3.82
CA VAL A 114 11.15 -25.61 -2.41
C VAL A 114 10.21 -26.79 -2.27
N PHE A 115 10.38 -27.58 -1.22
CA PHE A 115 9.59 -28.78 -1.05
C PHE A 115 9.55 -29.16 0.43
N TYR A 116 8.40 -29.65 0.88
CA TYR A 116 8.24 -30.26 2.20
C TYR A 116 7.67 -31.65 1.99
N ASN A 117 8.51 -32.67 2.18
CA ASN A 117 8.09 -34.07 2.07
C ASN A 117 7.55 -34.38 0.67
N GLU A 118 8.20 -33.82 -0.35
CA GLU A 118 7.88 -34.20 -1.71
C GLU A 118 8.53 -35.54 -2.03
N PRO A 119 7.78 -36.52 -2.55
CA PRO A 119 8.39 -37.81 -2.88
C PRO A 119 9.54 -37.67 -3.86
N PHE A 120 10.43 -38.67 -3.82
CA PHE A 120 11.65 -38.63 -4.63
C PHE A 120 11.32 -38.57 -6.12
N SER A 121 10.36 -39.37 -6.59
CA SER A 121 10.11 -39.49 -8.02
C SER A 121 9.61 -38.17 -8.61
N THR A 122 8.66 -37.53 -7.93
CA THR A 122 8.13 -36.26 -8.45
C THR A 122 9.15 -35.14 -8.33
N LEU A 123 9.88 -35.09 -7.22
CA LEU A 123 10.87 -34.03 -7.04
C LEU A 123 11.98 -34.14 -8.07
N MET A 124 12.53 -35.35 -8.25
CA MET A 124 13.65 -35.52 -9.16
C MET A 124 13.22 -35.41 -10.62
N ARG A 125 11.99 -35.83 -10.95
CA ARG A 125 11.49 -35.61 -12.29
C ARG A 125 11.40 -34.12 -12.59
N SER A 126 11.00 -33.32 -11.60
CA SER A 126 11.00 -31.87 -11.77
C SER A 126 12.41 -31.36 -12.05
N VAL A 127 13.38 -31.82 -11.27
CA VAL A 127 14.76 -31.38 -11.46
C VAL A 127 15.26 -31.83 -12.84
N HIS A 128 15.03 -33.09 -13.18
CA HIS A 128 15.41 -33.57 -14.51
C HIS A 128 14.75 -32.74 -15.60
N SER A 129 13.45 -32.46 -15.44
CA SER A 129 12.72 -31.70 -16.45
C SER A 129 13.35 -30.33 -16.66
N VAL A 130 13.73 -29.66 -15.58
CA VAL A 130 14.32 -28.33 -15.70
C VAL A 130 15.70 -28.41 -16.35
N LEU A 131 16.53 -29.35 -15.91
N LEU A 131 16.53 -29.35 -15.91
CA LEU A 131 17.87 -29.46 -16.46
CA LEU A 131 17.88 -29.46 -16.46
C LEU A 131 17.84 -29.90 -17.92
C LEU A 131 17.83 -29.90 -17.93
N ASN A 132 17.00 -30.90 -18.25
CA ASN A 132 16.93 -31.37 -19.62
C ASN A 132 16.41 -30.29 -20.56
N GLY A 133 15.58 -29.38 -20.07
CA GLY A 133 14.90 -28.42 -20.94
C GLY A 133 15.24 -26.97 -20.71
N THR A 134 16.41 -26.69 -20.12
CA THR A 134 16.87 -25.32 -19.91
C THR A 134 18.30 -25.20 -20.42
N PRO A 135 18.58 -24.34 -21.39
CA PRO A 135 19.96 -24.19 -21.87
C PRO A 135 20.90 -23.83 -20.72
N PRO A 136 22.06 -24.47 -20.62
CA PRO A 136 22.97 -24.17 -19.51
C PRO A 136 23.50 -22.74 -19.50
N GLN A 137 23.33 -21.98 -20.58
N GLN A 137 23.35 -21.99 -20.59
CA GLN A 137 23.87 -20.62 -20.63
CA GLN A 137 23.87 -20.63 -20.65
C GLN A 137 23.00 -19.62 -19.89
C GLN A 137 22.99 -19.61 -19.91
N ILE A 138 21.71 -19.94 -19.70
CA ILE A 138 20.79 -19.05 -19.01
C ILE A 138 20.37 -19.60 -17.65
N LEU A 139 20.91 -20.74 -17.24
CA LEU A 139 20.59 -21.35 -15.95
C LEU A 139 21.81 -21.21 -15.05
N GLU A 140 21.79 -20.20 -14.18
CA GLU A 140 22.88 -20.00 -13.24
C GLU A 140 23.01 -21.18 -12.28
N GLU A 141 21.88 -21.63 -11.73
CA GLU A 141 21.89 -22.64 -10.68
C GLU A 141 20.48 -23.16 -10.48
N LEU A 142 20.39 -24.28 -9.78
N LEU A 142 20.40 -24.29 -9.79
CA LEU A 142 19.11 -24.90 -9.40
CA LEU A 142 19.13 -24.90 -9.39
C LEU A 142 19.14 -25.11 -7.89
C LEU A 142 19.18 -25.09 -7.88
N ILE A 143 18.46 -24.24 -7.15
CA ILE A 143 18.48 -24.27 -5.70
C ILE A 143 17.31 -25.11 -5.22
N LEU A 144 17.60 -26.17 -4.47
CA LEU A 144 16.59 -27.01 -3.83
C LEU A 144 16.54 -26.65 -2.34
N VAL A 145 15.35 -26.31 -1.86
CA VAL A 145 15.15 -25.87 -0.48
C VAL A 145 14.33 -26.93 0.24
N ASP A 146 14.98 -27.67 1.13
CA ASP A 146 14.29 -28.62 1.99
C ASP A 146 13.70 -27.86 3.17
N ASP A 147 12.38 -27.66 3.16
CA ASP A 147 11.70 -26.89 4.21
C ASP A 147 11.36 -27.78 5.41
N GLY A 148 12.42 -28.29 6.03
CA GLY A 148 12.26 -29.09 7.23
C GLY A 148 11.54 -30.40 7.00
N SER A 149 11.81 -31.08 5.90
CA SER A 149 11.15 -32.35 5.61
C SER A 149 11.49 -33.38 6.67
N THR A 150 10.59 -34.35 6.83
CA THR A 150 10.76 -35.42 7.79
C THR A 150 10.92 -36.79 7.14
N LEU A 151 10.76 -36.87 5.83
CA LEU A 151 10.91 -38.15 5.14
C LEU A 151 12.33 -38.69 5.34
N PRO A 152 12.49 -40.00 5.51
CA PRO A 152 13.85 -40.54 5.67
C PRO A 152 14.78 -40.30 4.49
N TYR A 153 14.24 -40.27 3.27
CA TYR A 153 15.10 -40.10 2.09
C TYR A 153 15.68 -38.70 1.99
N ILE A 154 15.18 -37.75 2.76
CA ILE A 154 15.65 -36.36 2.72
C ILE A 154 16.47 -36.01 3.96
N ARG A 155 16.02 -36.44 5.14
CA ARG A 155 16.61 -35.98 6.40
C ARG A 155 18.14 -36.09 6.37
N GLU A 156 18.78 -35.18 7.10
CA GLU A 156 20.23 -35.27 7.28
C GLU A 156 20.62 -36.57 7.99
N ASP A 157 19.78 -37.06 8.90
CA ASP A 157 20.04 -38.31 9.62
C ASP A 157 19.28 -39.48 9.02
N GLY A 158 18.99 -39.44 7.73
CA GLY A 158 18.25 -40.49 7.05
C GLY A 158 19.14 -41.39 6.24
N ASN A 159 18.54 -42.04 5.23
CA ASN A 159 19.26 -42.98 4.38
C ASN A 159 20.09 -42.29 3.30
N GLN A 160 20.03 -40.96 3.20
CA GLN A 160 20.91 -40.17 2.35
C GLN A 160 20.60 -40.32 0.86
N GLN A 161 19.42 -40.86 0.51
CA GLN A 161 19.11 -41.07 -0.90
C GLN A 161 19.24 -39.77 -1.70
N LEU A 162 18.63 -38.69 -1.21
CA LEU A 162 18.63 -37.45 -1.96
C LEU A 162 20.05 -36.92 -2.13
N VAL A 163 20.78 -36.75 -1.03
N VAL A 163 20.78 -36.75 -1.03
CA VAL A 163 22.12 -36.17 -1.11
CA VAL A 163 22.12 -36.18 -1.10
C VAL A 163 23.02 -37.02 -2.00
C VAL A 163 23.01 -37.02 -2.01
N GLU A 164 22.93 -38.34 -1.89
CA GLU A 164 23.76 -39.21 -2.72
C GLU A 164 23.39 -39.08 -4.18
N TYR A 165 22.09 -38.98 -4.49
CA TYR A 165 21.67 -38.89 -5.88
C TYR A 165 22.02 -37.54 -6.49
N LEU A 166 22.07 -36.48 -5.68
CA LEU A 166 22.42 -35.17 -6.21
C LEU A 166 23.86 -35.15 -6.74
N LYS A 167 24.73 -36.01 -6.21
CA LYS A 167 26.10 -36.10 -6.70
C LYS A 167 26.18 -36.57 -8.14
N LEU A 168 25.10 -37.14 -8.68
CA LEU A 168 25.04 -37.55 -10.07
C LEU A 168 24.44 -36.49 -10.98
N LEU A 169 24.20 -35.29 -10.47
CA LEU A 169 23.65 -34.18 -11.24
C LEU A 169 24.67 -33.06 -11.38
N PRO A 170 24.47 -32.14 -12.33
CA PRO A 170 25.42 -31.04 -12.48
C PRO A 170 25.65 -30.32 -11.17
N ALA A 171 26.84 -29.72 -11.05
CA ALA A 171 27.17 -28.95 -9.85
C ALA A 171 26.27 -27.74 -9.68
N LYS A 172 25.55 -27.33 -10.73
CA LYS A 172 24.59 -26.24 -10.59
C LYS A 172 23.57 -26.54 -9.51
N VAL A 173 23.17 -27.79 -9.39
CA VAL A 173 22.12 -28.18 -8.44
C VAL A 173 22.73 -28.21 -7.04
N ARG A 174 22.21 -27.37 -6.15
CA ARG A 174 22.67 -27.32 -4.77
C ARG A 174 21.48 -27.35 -3.83
N LEU A 175 21.62 -28.11 -2.75
CA LEU A 175 20.58 -28.29 -1.75
C LEU A 175 20.88 -27.42 -0.53
N ILE A 176 19.87 -26.71 -0.05
CA ILE A 176 19.93 -25.99 1.21
C ILE A 176 18.69 -26.37 2.01
N ARG A 177 18.76 -26.14 3.33
CA ARG A 177 17.75 -26.65 4.25
C ARG A 177 17.30 -25.60 5.25
N ASN A 178 16.03 -25.69 5.62
CA ASN A 178 15.50 -25.06 6.82
C ASN A 178 15.49 -26.11 7.92
N GLU A 179 16.19 -25.86 9.02
CA GLU A 179 16.23 -26.85 10.08
C GLU A 179 14.82 -27.20 10.55
N VAL A 180 13.97 -26.20 10.69
N VAL A 180 13.97 -26.20 10.69
CA VAL A 180 12.56 -26.39 11.02
CA VAL A 180 12.56 -26.39 11.03
C VAL A 180 11.72 -25.88 9.87
C VAL A 180 11.72 -25.88 9.86
N ARG A 181 10.59 -26.55 9.63
CA ARG A 181 9.67 -26.15 8.58
C ARG A 181 9.22 -24.71 8.79
N LYS A 182 9.47 -23.86 7.80
CA LYS A 182 9.08 -22.46 7.89
C LYS A 182 7.82 -22.13 7.10
N GLY A 183 7.49 -22.91 6.08
CA GLY A 183 6.34 -22.66 5.24
C GLY A 183 6.75 -22.19 3.85
N ILE A 184 5.74 -21.94 3.03
CA ILE A 184 5.98 -21.56 1.65
C ILE A 184 6.81 -20.28 1.57
N VAL A 185 6.39 -19.25 2.31
CA VAL A 185 7.11 -17.97 2.26
C VAL A 185 8.54 -18.14 2.77
N GLY A 186 8.67 -18.68 3.99
CA GLY A 186 10.01 -18.86 4.55
C GLY A 186 10.91 -19.72 3.69
N ALA A 187 10.34 -20.75 3.07
CA ALA A 187 11.16 -21.62 2.22
C ALA A 187 11.61 -20.89 0.97
N ARG A 188 10.70 -20.15 0.32
CA ARG A 188 11.07 -19.45 -0.90
C ARG A 188 12.07 -18.33 -0.62
N MET A 189 11.92 -17.62 0.49
CA MET A 189 12.84 -16.53 0.79
C MET A 189 14.25 -17.05 1.01
N LYS A 190 14.40 -18.20 1.68
CA LYS A 190 15.72 -18.79 1.83
C LYS A 190 16.36 -19.03 0.47
N GLY A 191 15.60 -19.62 -0.46
CA GLY A 191 16.13 -19.84 -1.79
C GLY A 191 16.41 -18.54 -2.52
N ILE A 192 15.49 -17.58 -2.43
CA ILE A 192 15.67 -16.31 -3.12
C ILE A 192 16.91 -15.60 -2.61
N ARG A 193 17.04 -15.50 -1.29
CA ARG A 193 18.23 -14.85 -0.72
C ARG A 193 19.50 -15.55 -1.15
N ALA A 194 19.47 -16.88 -1.23
CA ALA A 194 20.66 -17.65 -1.58
C ALA A 194 20.96 -17.61 -3.08
N SER A 195 20.06 -17.08 -3.90
CA SER A 195 20.29 -17.08 -5.33
C SER A 195 21.30 -16.00 -5.70
N ARG A 196 22.05 -16.27 -6.77
CA ARG A 196 23.06 -15.34 -7.28
C ARG A 196 22.65 -14.62 -8.55
N ALA A 197 21.95 -15.29 -9.46
CA ALA A 197 21.61 -14.70 -10.74
C ALA A 197 20.82 -13.41 -10.55
N PRO A 198 20.84 -12.51 -11.54
CA PRO A 198 20.00 -11.30 -11.45
C PRO A 198 18.51 -11.59 -11.42
N ILE A 199 18.08 -12.77 -11.85
CA ILE A 199 16.66 -13.14 -11.91
C ILE A 199 16.51 -14.52 -11.29
N PHE A 200 15.39 -14.73 -10.60
CA PHE A 200 15.04 -16.04 -10.08
C PHE A 200 13.68 -16.47 -10.61
N ALA A 201 13.51 -17.78 -10.75
CA ALA A 201 12.25 -18.38 -11.19
C ALA A 201 11.89 -19.49 -10.21
N ILE A 202 10.72 -19.38 -9.58
CA ILE A 202 10.25 -20.34 -8.60
C ILE A 202 9.31 -21.33 -9.26
N LEU A 203 9.54 -22.62 -9.02
CA LEU A 203 8.71 -23.69 -9.55
C LEU A 203 8.29 -24.60 -8.40
N ASP A 204 7.19 -25.33 -8.61
CA ASP A 204 6.76 -26.32 -7.65
C ASP A 204 7.63 -27.57 -7.76
N SER A 205 7.54 -28.43 -6.76
CA SER A 205 8.35 -29.64 -6.70
C SER A 205 7.68 -30.84 -7.37
N HIS A 206 6.65 -30.60 -8.19
CA HIS A 206 5.91 -31.64 -8.89
C HIS A 206 5.48 -31.07 -10.24
N ILE A 207 6.45 -30.82 -11.12
CA ILE A 207 6.22 -30.14 -12.38
C ILE A 207 6.99 -30.81 -13.51
N GLU A 208 6.58 -30.50 -14.73
CA GLU A 208 7.31 -30.83 -15.95
C GLU A 208 7.11 -29.67 -16.90
N VAL A 209 8.19 -29.21 -17.52
CA VAL A 209 8.17 -28.00 -18.33
C VAL A 209 7.99 -28.35 -19.79
N SER A 210 7.39 -27.43 -20.53
CA SER A 210 7.41 -27.47 -21.99
C SER A 210 8.70 -26.84 -22.49
N PRO A 211 9.05 -27.05 -23.75
CA PRO A 211 10.32 -26.50 -24.26
C PRO A 211 10.34 -24.98 -24.21
N GLN A 212 11.54 -24.43 -23.99
CA GLN A 212 11.77 -23.00 -23.99
C GLN A 212 10.84 -22.29 -23.01
N TRP A 213 10.73 -22.86 -21.81
CA TRP A 213 9.87 -22.28 -20.78
C TRP A 213 10.47 -21.04 -20.17
N LEU A 214 11.81 -20.98 -20.07
CA LEU A 214 12.48 -19.90 -19.36
C LEU A 214 12.80 -18.71 -20.27
N GLU A 215 13.16 -18.97 -21.53
CA GLU A 215 13.56 -17.90 -22.44
C GLU A 215 12.55 -16.75 -22.49
N PRO A 216 11.25 -16.99 -22.64
CA PRO A 216 10.31 -15.85 -22.71
C PRO A 216 10.31 -15.00 -21.45
N LEU A 217 10.48 -15.62 -20.28
CA LEU A 217 10.48 -14.87 -19.04
C LEU A 217 11.71 -13.98 -18.93
N LEU A 218 12.88 -14.52 -19.29
CA LEU A 218 14.10 -13.74 -19.19
C LEU A 218 14.08 -12.54 -20.14
N LEU A 219 13.61 -12.76 -21.37
CA LEU A 219 13.54 -11.66 -22.32
C LEU A 219 12.60 -10.57 -21.83
N ARG A 220 11.47 -10.96 -21.25
CA ARG A 220 10.49 -9.98 -20.78
C ARG A 220 11.02 -9.19 -19.61
N ILE A 221 11.67 -9.85 -18.65
CA ILE A 221 12.20 -9.15 -17.48
C ILE A 221 13.43 -8.33 -17.85
N LYS A 222 14.18 -8.76 -18.86
CA LYS A 222 15.33 -7.99 -19.30
C LYS A 222 14.92 -6.59 -19.76
N GLU A 223 13.85 -6.51 -20.55
CA GLU A 223 13.41 -5.22 -21.07
C GLU A 223 12.91 -4.30 -19.97
N ASP A 224 12.28 -4.85 -18.92
CA ASP A 224 11.76 -4.02 -17.84
C ASP A 224 11.80 -4.84 -16.55
N SER A 225 12.70 -4.47 -15.64
CA SER A 225 12.91 -5.23 -14.42
C SER A 225 11.75 -5.12 -13.43
N ARG A 226 10.79 -4.23 -13.67
CA ARG A 226 9.64 -4.11 -12.79
C ARG A 226 8.57 -5.15 -13.08
N ARG A 227 8.77 -5.99 -14.09
CA ARG A 227 7.78 -6.99 -14.48
C ARG A 227 7.98 -8.27 -13.69
N VAL A 228 6.90 -8.80 -13.12
CA VAL A 228 6.87 -10.14 -12.58
C VAL A 228 6.08 -10.99 -13.58
N VAL A 229 6.75 -11.95 -14.21
CA VAL A 229 6.17 -12.74 -15.28
C VAL A 229 5.99 -14.16 -14.81
N MET A 230 4.82 -14.74 -15.10
CA MET A 230 4.53 -16.09 -14.68
C MET A 230 4.18 -16.95 -15.89
N PRO A 231 4.66 -18.20 -15.92
CA PRO A 231 4.25 -19.10 -17.01
C PRO A 231 2.82 -19.54 -16.86
N GLN A 232 2.24 -19.99 -17.97
CA GLN A 232 0.94 -20.63 -17.93
C GLN A 232 1.09 -22.09 -17.53
N ILE A 233 0.12 -22.58 -16.76
CA ILE A 233 0.24 -23.85 -16.06
C ILE A 233 -0.68 -24.87 -16.73
N ASP A 234 -0.08 -25.93 -17.27
CA ASP A 234 -0.82 -27.07 -17.76
C ASP A 234 -0.91 -28.11 -16.64
N GLY A 235 -1.55 -29.24 -16.91
CA GLY A 235 -1.89 -30.20 -15.90
C GLY A 235 -1.21 -31.54 -16.09
N ILE A 236 -0.92 -32.20 -14.97
CA ILE A 236 -0.54 -33.61 -14.93
C ILE A 236 -1.56 -34.30 -14.05
N ASP A 237 -2.31 -35.24 -14.63
CA ASP A 237 -3.39 -35.87 -13.88
C ASP A 237 -2.82 -36.61 -12.69
N ALA A 238 -3.41 -36.34 -11.51
CA ALA A 238 -2.92 -36.97 -10.30
C ALA A 238 -3.11 -38.49 -10.34
N GLU A 239 -4.12 -38.97 -11.05
CA GLU A 239 -4.44 -40.39 -11.10
C GLU A 239 -3.70 -41.13 -12.20
N THR A 240 -3.66 -40.56 -13.41
CA THR A 240 -3.08 -41.23 -14.56
C THR A 240 -1.78 -40.60 -15.03
N PHE A 241 -1.43 -39.42 -14.52
CA PHE A 241 -0.23 -38.68 -14.94
C PHE A 241 -0.27 -38.31 -16.42
N LYS A 242 -1.44 -38.35 -17.04
N LYS A 242 -1.45 -38.33 -17.04
CA LYS A 242 -1.58 -37.87 -18.41
CA LYS A 242 -1.58 -37.87 -18.41
C LYS A 242 -1.32 -36.36 -18.45
C LYS A 242 -1.37 -36.36 -18.49
N HIS A 243 -0.66 -35.91 -19.52
CA HIS A 243 -0.45 -34.50 -19.73
C HIS A 243 -1.70 -33.87 -20.33
N ILE A 244 -2.22 -32.84 -19.67
CA ILE A 244 -3.47 -32.20 -20.08
C ILE A 244 -3.22 -30.72 -20.30
N ALA A 245 -3.78 -30.21 -21.39
CA ALA A 245 -3.67 -28.79 -21.68
C ALA A 245 -4.46 -28.01 -20.65
N GLY A 246 -3.85 -26.96 -20.12
CA GLY A 246 -4.58 -26.07 -19.24
C GLY A 246 -5.68 -25.37 -20.01
N GLY A 247 -6.89 -25.39 -19.45
CA GLY A 247 -8.02 -24.78 -20.09
C GLY A 247 -8.33 -23.38 -19.61
N ILE A 248 -7.51 -22.85 -18.71
CA ILE A 248 -7.69 -21.53 -18.13
C ILE A 248 -6.87 -20.53 -18.92
N GLY A 249 -7.49 -19.40 -19.26
CA GLY A 249 -6.78 -18.31 -19.90
C GLY A 249 -5.74 -17.69 -19.00
N CYS A 250 -5.19 -16.56 -19.47
CA CYS A 250 -4.09 -15.90 -18.81
C CYS A 250 -4.53 -15.05 -17.62
N LYS A 251 -5.68 -14.37 -17.72
CA LYS A 251 -6.05 -13.39 -16.71
C LYS A 251 -6.71 -14.05 -15.51
N LEU A 252 -6.23 -13.70 -14.31
CA LEU A 252 -6.75 -14.22 -13.05
C LEU A 252 -7.18 -13.07 -12.17
N GLY A 253 -8.44 -13.10 -11.73
CA GLY A 253 -8.95 -12.20 -10.72
C GLY A 253 -8.83 -12.79 -9.34
N PHE A 254 -9.75 -12.41 -8.46
CA PHE A 254 -9.82 -12.99 -7.13
C PHE A 254 -11.27 -12.99 -6.65
N LEU A 255 -11.57 -13.92 -5.77
CA LEU A 255 -12.86 -14.00 -5.09
C LEU A 255 -12.76 -13.36 -3.71
N TRP A 256 -13.91 -12.92 -3.20
CA TRP A 256 -13.92 -12.26 -1.90
C TRP A 256 -13.69 -13.24 -0.76
N LYS A 257 -13.65 -14.54 -1.04
CA LYS A 257 -13.06 -15.48 -0.09
C LYS A 257 -11.54 -15.40 -0.08
N LEU A 258 -10.96 -14.51 -0.88
CA LEU A 258 -9.51 -14.30 -0.93
C LEU A 258 -8.83 -15.53 -1.51
N MET A 259 -9.23 -15.90 -2.72
CA MET A 259 -8.57 -16.94 -3.51
C MET A 259 -8.52 -16.46 -4.95
N GLU A 260 -7.42 -16.72 -5.63
CA GLU A 260 -7.35 -16.35 -7.03
C GLU A 260 -8.44 -17.10 -7.80
N HIS A 261 -8.88 -16.52 -8.91
CA HIS A 261 -9.99 -17.05 -9.70
C HIS A 261 -9.81 -16.63 -11.14
N SER A 262 -9.76 -17.60 -12.05
N SER A 262 -9.76 -17.60 -12.05
CA SER A 262 -9.56 -17.30 -13.46
CA SER A 262 -9.57 -17.30 -13.46
C SER A 262 -10.70 -16.43 -13.96
C SER A 262 -10.70 -16.42 -13.94
N TYR A 263 -10.35 -15.45 -14.78
CA TYR A 263 -11.32 -14.62 -15.44
C TYR A 263 -12.45 -15.45 -16.03
N GLU A 264 -13.67 -15.05 -15.74
CA GLU A 264 -14.87 -15.73 -16.24
C GLU A 264 -15.27 -15.17 -17.60
N GLY A 265 -16.27 -15.80 -18.21
CA GLY A 265 -16.71 -15.35 -19.52
C GLY A 265 -17.24 -13.93 -19.51
N HIS A 266 -18.12 -13.63 -18.54
CA HIS A 266 -18.71 -12.30 -18.48
C HIS A 266 -17.69 -11.25 -18.03
N GLN A 267 -16.62 -11.67 -17.36
CA GLN A 267 -15.57 -10.72 -17.00
C GLN A 267 -14.67 -10.41 -18.19
N THR A 268 -14.37 -11.42 -19.00
CA THR A 268 -13.59 -11.18 -20.22
C THR A 268 -14.32 -10.24 -21.17
N ALA A 269 -15.65 -10.31 -21.22
CA ALA A 269 -16.41 -9.45 -22.12
C ALA A 269 -16.31 -7.98 -21.75
N ARG A 270 -15.97 -7.67 -20.50
CA ARG A 270 -15.79 -6.29 -20.07
C ARG A 270 -14.45 -5.71 -20.49
N LEU A 271 -13.51 -6.55 -20.92
CA LEU A 271 -12.23 -6.05 -21.40
C LEU A 271 -12.44 -5.22 -22.65
N PRO A 272 -11.48 -4.36 -22.99
CA PRO A 272 -11.50 -3.70 -24.30
C PRO A 272 -11.56 -4.74 -25.40
N PRO A 273 -12.27 -4.46 -26.51
CA PRO A 273 -12.43 -5.50 -27.53
C PRO A 273 -11.11 -5.98 -28.10
N GLU A 274 -10.07 -5.14 -28.11
CA GLU A 274 -8.78 -5.55 -28.64
C GLU A 274 -8.03 -6.51 -27.73
N GLU A 275 -8.51 -6.73 -26.50
CA GLU A 275 -7.85 -7.59 -25.55
C GLU A 275 -8.66 -8.82 -25.17
N ARG A 276 -9.84 -9.02 -25.77
CA ARG A 276 -10.67 -10.16 -25.39
C ARG A 276 -10.10 -11.47 -25.91
N GLN A 277 -9.45 -11.44 -27.07
CA GLN A 277 -8.85 -12.63 -27.66
C GLN A 277 -7.47 -12.26 -28.18
N PRO A 278 -6.49 -12.13 -27.30
CA PRO A 278 -5.15 -11.73 -27.73
C PRO A 278 -4.38 -12.88 -28.35
N SER A 279 -3.36 -12.53 -29.11
CA SER A 279 -2.57 -13.55 -29.79
C SER A 279 -1.85 -14.42 -28.77
N PRO A 280 -1.55 -15.68 -29.11
CA PRO A 280 -0.94 -16.58 -28.12
C PRO A 280 0.49 -16.21 -27.77
N THR A 281 1.07 -15.21 -28.42
CA THR A 281 2.43 -14.77 -28.11
C THR A 281 2.46 -13.48 -27.30
N ASP A 282 1.31 -12.84 -27.08
CA ASP A 282 1.26 -11.59 -26.35
C ASP A 282 1.39 -11.82 -24.85
N PHE A 283 2.22 -11.01 -24.20
CA PHE A 283 2.24 -10.95 -22.75
C PHE A 283 1.03 -10.18 -22.26
N GLN A 284 0.30 -10.77 -21.32
CA GLN A 284 -0.97 -10.22 -20.84
C GLN A 284 -0.85 -9.93 -19.36
N THR A 285 -1.31 -8.75 -18.96
CA THR A 285 -1.36 -8.42 -17.54
C THR A 285 -2.38 -9.31 -16.84
N SER A 286 -2.19 -9.50 -15.54
CA SER A 286 -3.12 -10.29 -14.74
C SER A 286 -3.25 -9.59 -13.39
N PRO A 287 -4.47 -9.36 -12.91
CA PRO A 287 -4.60 -8.78 -11.56
C PRO A 287 -3.94 -9.62 -10.48
N ALA A 288 -4.02 -10.95 -10.60
CA ALA A 288 -3.58 -11.85 -9.54
C ALA A 288 -2.67 -12.93 -10.10
N MET A 289 -1.93 -13.55 -9.19
CA MET A 289 -0.99 -14.62 -9.52
C MET A 289 -1.61 -15.95 -9.13
N ALA A 290 -1.42 -16.96 -9.99
CA ALA A 290 -2.04 -18.26 -9.77
C ALA A 290 -1.53 -18.89 -8.49
N GLY A 291 -0.25 -19.21 -8.45
CA GLY A 291 0.34 -19.84 -7.28
C GLY A 291 1.62 -19.15 -6.86
N GLY A 292 2.74 -19.84 -7.07
CA GLY A 292 4.04 -19.27 -6.77
C GLY A 292 5.02 -19.54 -7.90
N LEU A 293 4.47 -19.75 -9.10
CA LEU A 293 5.28 -20.00 -10.29
C LEU A 293 5.44 -18.67 -11.03
N PHE A 294 6.61 -18.05 -10.88
CA PHE A 294 6.86 -16.77 -11.51
C PHE A 294 8.36 -16.52 -11.52
N ALA A 295 8.77 -15.59 -12.38
CA ALA A 295 10.13 -15.10 -12.44
C ALA A 295 10.13 -13.62 -12.12
N ALA A 296 11.21 -13.13 -11.54
CA ALA A 296 11.29 -11.73 -11.15
C ALA A 296 12.75 -11.32 -11.01
N ASN A 297 13.01 -10.05 -11.28
CA ASN A 297 14.31 -9.46 -10.97
C ASN A 297 14.50 -9.46 -9.46
N LYS A 298 15.59 -10.06 -8.99
CA LYS A 298 15.80 -10.22 -7.56
C LYS A 298 15.83 -8.87 -6.85
N ALA A 299 16.57 -7.90 -7.41
CA ALA A 299 16.65 -6.58 -6.80
C ALA A 299 15.26 -5.95 -6.69
N PHE A 300 14.52 -5.95 -7.80
CA PHE A 300 13.18 -5.37 -7.78
C PHE A 300 12.27 -6.10 -6.81
N PHE A 301 12.41 -7.42 -6.73
CA PHE A 301 11.57 -8.21 -5.83
C PHE A 301 11.73 -7.74 -4.39
N PHE A 302 12.97 -7.43 -3.98
CA PHE A 302 13.21 -6.94 -2.62
C PHE A 302 12.77 -5.50 -2.47
N ASP A 303 12.95 -4.68 -3.52
CA ASP A 303 12.53 -3.28 -3.44
C ASP A 303 11.01 -3.15 -3.31
N VAL A 304 10.26 -4.14 -3.79
N VAL A 304 10.25 -4.15 -3.79
CA VAL A 304 8.80 -4.09 -3.77
CA VAL A 304 8.80 -4.07 -3.76
C VAL A 304 8.23 -4.87 -2.58
C VAL A 304 8.22 -4.72 -2.50
N GLY A 305 9.06 -5.19 -1.59
CA GLY A 305 8.60 -5.82 -0.36
C GLY A 305 8.77 -7.32 -0.30
N ALA A 306 9.32 -7.95 -1.34
CA ALA A 306 9.55 -9.39 -1.34
C ALA A 306 8.28 -10.13 -0.93
N TYR A 307 8.36 -10.95 0.12
CA TYR A 307 7.21 -11.56 0.75
C TYR A 307 7.02 -10.99 2.15
N ASP A 308 5.80 -11.12 2.66
CA ASP A 308 5.51 -10.81 4.06
C ASP A 308 5.91 -12.03 4.89
N GLU A 309 7.10 -11.97 5.50
CA GLU A 309 7.69 -13.14 6.13
C GLU A 309 6.97 -13.58 7.39
N ASP A 310 5.95 -12.85 7.84
CA ASP A 310 5.12 -13.30 8.95
C ASP A 310 3.93 -14.13 8.47
N PHE A 311 3.81 -14.38 7.18
CA PHE A 311 2.86 -15.36 6.68
C PHE A 311 3.21 -16.75 7.20
N GLN A 312 2.19 -17.54 7.47
CA GLN A 312 2.35 -18.81 8.19
C GLN A 312 2.05 -19.98 7.26
N PHE A 313 3.02 -20.89 7.16
CA PHE A 313 2.81 -22.16 6.48
C PHE A 313 2.29 -21.95 5.06
N TRP A 314 1.01 -22.25 4.80
CA TRP A 314 0.48 -22.32 3.45
C TRP A 314 -0.66 -21.32 3.25
N GLY A 315 -0.69 -20.68 2.08
CA GLY A 315 -1.89 -19.98 1.66
C GLY A 315 -1.82 -18.47 1.55
N THR A 316 -2.31 -17.95 0.42
CA THR A 316 -2.68 -16.56 0.17
C THR A 316 -1.48 -15.63 -0.07
N GLU A 317 -0.24 -16.09 0.10
CA GLU A 317 0.88 -15.20 -0.18
C GLU A 317 0.85 -14.70 -1.62
N ASN A 318 0.23 -15.46 -2.52
CA ASN A 318 0.17 -15.04 -3.91
C ASN A 318 -0.69 -13.80 -4.09
N LEU A 319 -1.79 -13.68 -3.33
CA LEU A 319 -2.65 -12.51 -3.46
C LEU A 319 -2.02 -11.30 -2.79
N GLU A 320 -1.43 -11.47 -1.60
CA GLU A 320 -0.74 -10.36 -0.96
C GLU A 320 0.36 -9.82 -1.86
N LEU A 321 1.15 -10.72 -2.47
CA LEU A 321 2.17 -10.28 -3.42
C LEU A 321 1.53 -9.59 -4.63
N SER A 322 0.42 -10.14 -5.13
CA SER A 322 -0.24 -9.56 -6.29
C SER A 322 -0.70 -8.13 -6.00
N PHE A 323 -1.45 -7.96 -4.90
CA PHE A 323 -1.93 -6.62 -4.55
C PHE A 323 -0.76 -5.67 -4.34
N ARG A 324 0.22 -6.08 -3.52
CA ARG A 324 1.35 -5.21 -3.22
C ARG A 324 2.14 -4.89 -4.48
N LEU A 325 2.35 -5.88 -5.34
CA LEU A 325 3.11 -5.66 -6.57
C LEU A 325 2.51 -4.55 -7.40
N TRP A 326 1.21 -4.66 -7.72
CA TRP A 326 0.57 -3.65 -8.57
C TRP A 326 0.54 -2.29 -7.90
N GLN A 327 0.26 -2.25 -6.60
CA GLN A 327 0.07 -0.97 -5.92
C GLN A 327 1.40 -0.24 -5.72
N CYS A 328 2.51 -0.96 -5.67
CA CYS A 328 3.80 -0.36 -5.32
C CYS A 328 4.75 -0.29 -6.52
N GLY A 329 4.21 -0.18 -7.73
CA GLY A 329 5.01 0.14 -8.90
C GLY A 329 5.46 -1.04 -9.74
N GLY A 330 4.85 -2.21 -9.60
CA GLY A 330 5.18 -3.37 -10.39
C GLY A 330 4.10 -3.69 -11.41
N VAL A 331 4.40 -4.71 -12.22
CA VAL A 331 3.49 -5.20 -13.24
C VAL A 331 3.52 -6.73 -13.23
N LEU A 332 2.34 -7.34 -13.13
CA LEU A 332 2.21 -8.79 -13.17
C LEU A 332 1.71 -9.19 -14.55
N GLU A 333 2.51 -10.00 -15.24
CA GLU A 333 2.18 -10.47 -16.58
C GLU A 333 2.34 -11.99 -16.63
N CYS A 334 1.64 -12.60 -17.58
CA CYS A 334 1.68 -14.03 -17.80
C CYS A 334 2.12 -14.30 -19.24
N ALA A 335 3.02 -15.26 -19.42
CA ALA A 335 3.58 -15.56 -20.72
C ALA A 335 2.98 -16.86 -21.25
N PRO A 336 2.01 -16.81 -22.18
CA PRO A 336 1.43 -18.07 -22.69
C PRO A 336 2.41 -18.92 -23.46
N CYS A 337 3.54 -18.38 -23.92
CA CYS A 337 4.56 -19.21 -24.58
C CYS A 337 5.50 -19.85 -23.58
N SER A 338 5.36 -19.55 -22.29
CA SER A 338 6.11 -20.20 -21.22
C SER A 338 5.15 -21.10 -20.47
N ARG A 339 5.28 -22.41 -20.64
CA ARG A 339 4.34 -23.38 -20.12
C ARG A 339 5.07 -24.35 -19.18
N VAL A 340 4.38 -24.71 -18.10
CA VAL A 340 4.89 -25.69 -17.15
C VAL A 340 3.73 -26.59 -16.75
N TYR A 341 3.94 -27.90 -16.84
CA TYR A 341 2.95 -28.84 -16.34
C TYR A 341 3.03 -28.91 -14.82
N HIS A 342 1.88 -29.10 -14.18
CA HIS A 342 1.79 -29.10 -12.73
C HIS A 342 0.80 -30.16 -12.28
N ILE A 343 1.19 -30.94 -11.27
CA ILE A 343 0.30 -31.94 -10.69
C ILE A 343 -0.62 -31.23 -9.71
N PHE A 344 -1.90 -31.18 -10.03
CA PHE A 344 -2.91 -30.67 -9.09
C PHE A 344 -3.41 -31.85 -8.26
N ARG A 345 -3.40 -31.70 -6.95
CA ARG A 345 -3.71 -32.84 -6.10
C ARG A 345 -5.19 -33.16 -6.18
N LYS A 346 -5.51 -34.44 -6.00
CA LYS A 346 -6.89 -34.91 -5.98
C LYS A 346 -7.05 -35.90 -4.83
N GLY A 347 -8.09 -35.69 -4.02
CA GLY A 347 -8.37 -36.57 -2.90
C GLY A 347 -7.19 -36.81 -1.98
N GLY A 348 -6.51 -35.76 -1.57
CA GLY A 348 -5.35 -35.90 -0.72
C GLY A 348 -4.48 -34.67 -0.75
N SER A 349 -3.68 -34.51 0.30
CA SER A 349 -2.76 -33.40 0.43
C SER A 349 -1.42 -33.91 0.92
N GLY A 350 -0.34 -33.30 0.44
CA GLY A 350 1.00 -33.73 0.77
C GLY A 350 1.49 -33.35 2.15
N TYR A 351 0.68 -32.64 2.93
CA TYR A 351 1.08 -32.16 4.24
C TYR A 351 -0.11 -31.46 4.88
N SER A 352 -0.07 -31.34 6.20
CA SER A 352 -1.08 -30.63 6.97
C SER A 352 -0.47 -29.36 7.55
N SER A 353 -1.32 -28.36 7.72
CA SER A 353 -0.94 -27.07 8.29
C SER A 353 -1.93 -26.73 9.38
N PRO A 354 -1.55 -25.86 10.32
CA PRO A 354 -2.53 -25.42 11.32
C PRO A 354 -3.80 -24.93 10.63
N GLY A 355 -4.88 -24.78 11.37
CA GLY A 355 -6.14 -24.43 10.74
C GLY A 355 -6.31 -22.93 10.67
N ASP A 356 -5.78 -22.23 11.67
CA ASP A 356 -5.80 -20.78 11.68
C ASP A 356 -4.69 -20.13 10.87
N SER A 357 -3.78 -20.91 10.28
CA SER A 357 -2.67 -20.31 9.55
C SER A 357 -3.18 -19.65 8.27
N ILE A 358 -4.11 -20.30 7.58
CA ILE A 358 -4.67 -19.73 6.36
C ILE A 358 -5.46 -18.48 6.68
N THR A 359 -6.20 -18.49 7.79
CA THR A 359 -6.96 -17.32 8.19
C THR A 359 -6.03 -16.16 8.51
N ILE A 360 -4.93 -16.45 9.20
CA ILE A 360 -3.96 -15.40 9.52
C ILE A 360 -3.45 -14.75 8.25
N ASN A 361 -3.04 -15.56 7.27
CA ASN A 361 -2.51 -15.03 6.03
C ASN A 361 -3.55 -14.16 5.32
N LYS A 362 -4.83 -14.54 5.39
CA LYS A 362 -5.87 -13.74 4.78
C LYS A 362 -6.03 -12.39 5.48
N MET A 363 -5.98 -12.39 6.82
CA MET A 363 -6.05 -11.13 7.55
C MET A 363 -4.91 -10.20 7.17
N ARG A 364 -3.69 -10.73 7.10
CA ARG A 364 -2.55 -9.90 6.71
C ARG A 364 -2.71 -9.40 5.28
N THR A 365 -3.32 -10.18 4.41
CA THR A 365 -3.58 -9.73 3.05
C THR A 365 -4.58 -8.58 3.02
N MET A 366 -5.52 -8.56 3.97
N MET A 366 -5.52 -8.56 3.97
CA MET A 366 -6.52 -7.50 4.00
CA MET A 366 -6.52 -7.49 4.00
C MET A 366 -5.91 -6.12 4.26
C MET A 366 -5.89 -6.12 4.21
N LEU A 367 -4.65 -6.06 4.71
CA LEU A 367 -3.99 -4.77 4.87
C LEU A 367 -3.98 -4.00 3.56
N TRP A 368 -3.76 -4.70 2.46
CA TRP A 368 -3.63 -4.09 1.14
C TRP A 368 -4.97 -3.86 0.46
N MET A 369 -6.08 -4.16 1.14
CA MET A 369 -7.40 -4.02 0.54
C MET A 369 -8.15 -2.79 1.04
N ASP A 370 -7.61 -2.07 2.02
CA ASP A 370 -8.17 -0.78 2.49
C ASP A 370 -9.62 -1.04 2.91
N GLU A 371 -10.57 -0.20 2.50
CA GLU A 371 -11.95 -0.36 2.97
C GLU A 371 -12.56 -1.67 2.48
N TYR A 372 -12.10 -2.18 1.34
CA TYR A 372 -12.64 -3.43 0.82
C TYR A 372 -12.41 -4.60 1.77
N ALA A 373 -11.50 -4.44 2.75
CA ALA A 373 -11.27 -5.51 3.70
C ALA A 373 -12.52 -5.83 4.52
N ASP A 374 -13.42 -4.84 4.67
CA ASP A 374 -14.66 -5.11 5.39
C ASP A 374 -15.46 -6.21 4.70
N LEU A 375 -15.55 -6.16 3.37
CA LEU A 375 -16.28 -7.20 2.65
C LEU A 375 -15.57 -8.54 2.78
N ALA A 376 -14.26 -8.57 2.51
CA ALA A 376 -13.50 -9.81 2.62
C ALA A 376 -13.59 -10.37 4.03
N TRP A 377 -13.50 -9.51 5.04
CA TRP A 377 -13.58 -9.99 6.42
C TRP A 377 -14.89 -10.71 6.67
N ARG A 378 -16.01 -10.13 6.22
CA ARG A 378 -17.30 -10.76 6.44
C ARG A 378 -17.44 -12.06 5.65
N VAL A 379 -16.87 -12.11 4.45
CA VAL A 379 -17.04 -13.29 3.61
C VAL A 379 -16.37 -14.51 4.22
N ILE A 380 -15.21 -14.33 4.85
CA ILE A 380 -14.48 -15.46 5.42
C ILE A 380 -14.90 -15.70 6.86
N GLY A 381 -15.96 -15.03 7.29
CA GLY A 381 -16.59 -15.33 8.57
C GLY A 381 -16.17 -14.49 9.75
N LYS A 382 -15.75 -13.25 9.52
CA LYS A 382 -15.32 -12.33 10.58
C LYS A 382 -14.37 -13.01 11.56
N PRO A 383 -13.31 -13.65 11.07
CA PRO A 383 -12.40 -14.36 11.97
C PRO A 383 -11.68 -13.42 12.91
N ARG A 384 -11.44 -13.93 14.12
CA ARG A 384 -10.66 -13.24 15.15
C ARG A 384 -9.52 -14.17 15.53
N VAL A 385 -8.36 -13.91 14.93
N VAL A 385 -8.36 -13.96 14.91
CA VAL A 385 -7.17 -14.74 15.04
CA VAL A 385 -7.18 -14.79 15.17
C VAL A 385 -6.00 -13.83 15.44
C VAL A 385 -5.98 -13.87 15.31
N ASN A 386 -4.88 -14.46 15.78
CA ASN A 386 -3.65 -13.72 16.05
C ASN A 386 -2.89 -13.56 14.74
N TYR A 387 -3.24 -12.50 13.99
CA TYR A 387 -2.60 -12.20 12.72
C TYR A 387 -1.30 -11.41 12.88
N ARG A 388 -0.72 -11.41 14.09
CA ARG A 388 0.53 -10.70 14.34
C ARG A 388 0.37 -9.21 14.02
N PRO A 389 -0.45 -8.47 14.77
CA PRO A 389 -0.66 -7.05 14.42
C PRO A 389 0.60 -6.20 14.49
N GLU A 390 1.44 -6.37 15.52
CA GLU A 390 2.62 -5.50 15.64
C GLU A 390 3.49 -5.57 14.39
N SER A 391 3.64 -6.75 13.80
CA SER A 391 4.41 -6.86 12.57
C SER A 391 3.63 -6.32 11.37
N LEU A 392 2.31 -6.53 11.36
CA LEU A 392 1.51 -6.01 10.25
C LEU A 392 1.48 -4.50 10.24
N GLU A 393 1.57 -3.86 11.41
CA GLU A 393 1.59 -2.40 11.44
C GLU A 393 2.89 -1.84 10.92
N LYS A 394 3.99 -2.57 11.13
CA LYS A 394 5.23 -2.19 10.47
C LYS A 394 5.10 -2.34 8.97
N ARG A 395 4.39 -3.38 8.51
CA ARG A 395 4.15 -3.53 7.08
C ARG A 395 3.34 -2.37 6.53
N ARG A 396 2.43 -1.83 7.34
CA ARG A 396 1.66 -0.67 6.93
C ARG A 396 2.55 0.55 6.75
N GLU A 397 3.49 0.76 7.67
CA GLU A 397 4.41 1.89 7.55
C GLU A 397 5.25 1.76 6.27
N TRP A 398 5.70 0.54 5.98
CA TRP A 398 6.43 0.32 4.73
C TRP A 398 5.61 0.75 3.53
N ARG A 399 4.31 0.38 3.52
CA ARG A 399 3.45 0.76 2.41
C ARG A 399 3.37 2.27 2.26
N LYS A 400 3.33 3.01 3.38
CA LYS A 400 3.27 4.46 3.30
C LYS A 400 4.57 5.05 2.76
N ARG A 401 5.71 4.63 3.33
CA ARG A 401 7.00 5.17 2.89
C ARG A 401 7.19 4.91 1.40
N LYS A 402 6.89 3.69 0.96
CA LYS A 402 7.04 3.34 -0.44
C LYS A 402 6.09 4.14 -1.34
N GLY A 403 5.02 4.69 -0.77
CA GLY A 403 4.07 5.44 -1.57
C GLY A 403 3.15 4.58 -2.41
N CYS A 404 2.80 3.39 -1.93
CA CYS A 404 1.96 2.50 -2.70
C CYS A 404 0.57 3.11 -2.92
N LYS A 405 -0.04 2.76 -4.05
CA LYS A 405 -1.36 3.24 -4.38
C LYS A 405 -2.43 2.46 -3.61
N SER A 406 -3.67 2.94 -3.71
CA SER A 406 -4.76 2.39 -2.93
C SER A 406 -5.36 1.16 -3.61
N PHE A 407 -6.16 0.41 -2.86
CA PHE A 407 -6.85 -0.73 -3.45
C PHE A 407 -7.97 -0.29 -4.37
N ARG A 408 -8.58 0.87 -4.11
CA ARG A 408 -9.54 1.40 -5.06
C ARG A 408 -8.87 1.67 -6.41
N TRP A 409 -7.68 2.25 -6.40
CA TRP A 409 -6.92 2.36 -7.64
C TRP A 409 -6.73 0.99 -8.29
N PHE A 410 -6.40 -0.02 -7.48
CA PHE A 410 -6.19 -1.36 -8.01
C PHE A 410 -7.46 -1.87 -8.71
N MET A 411 -8.60 -1.77 -8.03
CA MET A 411 -9.84 -2.28 -8.60
C MET A 411 -10.22 -1.53 -9.87
N GLU A 412 -10.00 -0.20 -9.88
CA GLU A 412 -10.44 0.60 -11.02
C GLU A 412 -9.46 0.53 -12.18
N ASN A 413 -8.18 0.25 -11.92
CA ASN A 413 -7.16 0.29 -12.95
C ASN A 413 -6.60 -1.09 -13.30
N VAL A 414 -6.46 -1.99 -12.32
CA VAL A 414 -5.90 -3.30 -12.55
C VAL A 414 -6.98 -4.35 -12.79
N PHE A 415 -8.05 -4.33 -12.00
CA PHE A 415 -9.12 -5.32 -12.09
C PHE A 415 -10.49 -4.65 -12.28
N PRO A 416 -10.63 -3.75 -13.25
CA PRO A 416 -11.93 -3.09 -13.47
C PRO A 416 -12.99 -4.03 -14.02
N GLU A 417 -12.63 -5.24 -14.45
CA GLU A 417 -13.61 -6.20 -14.93
C GLU A 417 -14.28 -6.98 -13.80
N GLY A 418 -13.95 -6.69 -12.55
CA GLY A 418 -14.54 -7.42 -11.45
C GLY A 418 -15.98 -7.00 -11.20
N ASP A 419 -16.73 -7.93 -10.60
CA ASP A 419 -18.13 -7.66 -10.28
C ASP A 419 -18.29 -6.61 -9.18
N VAL A 420 -17.25 -6.38 -8.39
CA VAL A 420 -17.29 -5.41 -7.30
C VAL A 420 -16.07 -4.52 -7.46
N VAL A 421 -16.26 -3.36 -8.10
CA VAL A 421 -15.17 -2.40 -8.27
C VAL A 421 -15.13 -1.42 -7.11
N THR A 422 -16.29 -0.93 -6.68
CA THR A 422 -16.43 -0.17 -5.46
C THR A 422 -17.44 -0.89 -4.56
N LEU A 423 -17.40 -0.57 -3.27
CA LEU A 423 -18.32 -1.21 -2.34
C LEU A 423 -19.77 -0.82 -2.63
N ASP A 424 -19.99 0.24 -3.42
CA ASP A 424 -21.33 0.53 -3.90
C ASP A 424 -21.87 -0.59 -4.79
N ASP A 425 -20.99 -1.43 -5.35
CA ASP A 425 -21.43 -2.58 -6.12
C ASP A 425 -22.03 -3.68 -5.25
N VAL A 426 -21.97 -3.54 -3.93
CA VAL A 426 -22.61 -4.48 -3.02
C VAL A 426 -23.64 -3.69 -2.21
N PRO A 427 -24.83 -3.42 -2.76
CA PRO A 427 -25.78 -2.54 -2.05
C PRO A 427 -26.45 -3.20 -0.85
N TYR A 428 -26.55 -4.51 -0.80
CA TYR A 428 -27.24 -5.20 0.28
C TYR A 428 -26.34 -6.29 0.87
N LEU A 429 -26.34 -6.37 2.20
CA LEU A 429 -25.60 -7.42 2.90
C LEU A 429 -26.26 -7.59 4.26
N GLY A 430 -26.91 -8.72 4.46
CA GLY A 430 -27.64 -8.98 5.68
C GLY A 430 -28.76 -9.98 5.45
N PRO A 431 -29.67 -10.10 6.42
CA PRO A 431 -30.74 -11.10 6.29
C PRO A 431 -31.72 -10.73 5.20
N LEU A 432 -32.22 -11.75 4.50
CA LEU A 432 -33.34 -11.61 3.57
C LEU A 432 -34.56 -12.14 4.31
N ARG A 433 -35.36 -11.23 4.85
CA ARG A 433 -36.45 -11.55 5.76
C ARG A 433 -37.79 -11.26 5.11
N ASN A 434 -38.71 -12.22 5.24
CA ASN A 434 -40.11 -12.02 4.84
C ASN A 434 -40.91 -11.74 6.11
N ASP A 435 -41.44 -10.51 6.21
CA ASP A 435 -42.17 -10.10 7.40
C ASP A 435 -43.46 -10.87 7.56
N LYS A 436 -44.09 -11.28 6.45
CA LYS A 436 -45.38 -11.95 6.53
C LYS A 436 -45.31 -13.21 7.37
N ILE A 437 -44.35 -14.10 7.08
CA ILE A 437 -44.19 -15.33 7.85
C ILE A 437 -43.16 -15.18 8.97
N GLY A 438 -42.55 -14.00 9.10
CA GLY A 438 -41.58 -13.80 10.18
C GLY A 438 -40.40 -14.73 10.12
N MET A 439 -39.84 -14.95 8.93
CA MET A 439 -38.69 -15.82 8.76
C MET A 439 -37.75 -15.22 7.73
N CYS A 440 -36.52 -15.73 7.75
N CYS A 440 -36.51 -15.66 7.75
CA CYS A 440 -35.41 -15.27 6.93
CA CYS A 440 -35.53 -15.20 6.78
C CYS A 440 -34.92 -16.41 6.05
C CYS A 440 -34.93 -16.39 6.04
N LEU A 441 -34.23 -16.06 4.97
CA LEU A 441 -33.58 -17.08 4.15
C LEU A 441 -32.45 -17.72 4.95
N ASP A 442 -32.25 -19.01 4.75
CA ASP A 442 -31.29 -19.78 5.54
C ASP A 442 -30.59 -20.78 4.63
N ASN A 443 -29.26 -20.69 4.55
CA ASN A 443 -28.51 -21.65 3.75
C ASN A 443 -28.52 -23.05 4.36
N MET A 444 -29.09 -23.21 5.57
CA MET A 444 -29.29 -24.52 6.19
C MET A 444 -27.98 -25.21 6.52
N GLY A 445 -26.96 -24.43 6.91
CA GLY A 445 -25.71 -25.02 7.30
C GLY A 445 -24.84 -25.47 6.15
N TRP A 446 -25.17 -25.08 4.92
CA TRP A 446 -24.41 -25.54 3.77
C TRP A 446 -23.55 -24.41 3.22
N ALA A 447 -24.18 -23.47 2.51
CA ALA A 447 -23.52 -22.32 1.92
C ALA A 447 -22.69 -22.74 0.70
N SER A 448 -22.47 -24.04 0.55
CA SER A 448 -21.86 -24.60 -0.65
C SER A 448 -22.91 -24.73 -1.75
N PRO A 449 -22.51 -24.61 -3.02
CA PRO A 449 -23.48 -24.80 -4.10
C PRO A 449 -24.05 -26.21 -4.10
N GLY A 450 -25.30 -26.33 -4.56
CA GLY A 450 -25.91 -27.61 -4.81
C GLY A 450 -27.08 -27.97 -3.92
N HIS A 451 -27.37 -27.19 -2.89
CA HIS A 451 -28.38 -27.55 -1.90
C HIS A 451 -29.51 -26.53 -1.90
N ALA A 452 -30.62 -26.94 -1.29
CA ALA A 452 -31.80 -26.10 -1.23
C ALA A 452 -31.67 -25.06 -0.12
N VAL A 453 -32.23 -23.88 -0.37
CA VAL A 453 -32.29 -22.83 0.63
C VAL A 453 -33.60 -22.98 1.40
N GLY A 454 -33.55 -22.71 2.70
CA GLY A 454 -34.68 -22.89 3.58
C GLY A 454 -35.20 -21.58 4.14
N LEU A 455 -36.36 -21.67 4.79
CA LEU A 455 -36.97 -20.57 5.52
C LEU A 455 -36.96 -20.94 6.99
N GLU A 456 -36.32 -20.11 7.80
CA GLU A 456 -36.13 -20.39 9.21
C GLU A 456 -36.27 -19.10 10.01
N TYR A 457 -36.38 -19.26 11.33
CA TYR A 457 -36.49 -18.12 12.22
C TYR A 457 -35.18 -17.33 12.26
N CYS A 458 -35.31 -16.01 12.23
CA CYS A 458 -34.14 -15.14 12.13
C CYS A 458 -33.36 -15.12 13.43
N HIS A 459 -32.03 -15.30 13.34
CA HIS A 459 -31.17 -15.24 14.50
C HIS A 459 -29.91 -14.39 14.30
N GLY A 460 -29.67 -13.87 13.09
CA GLY A 460 -28.58 -12.95 12.86
C GLY A 460 -27.24 -13.57 12.59
N GLY A 461 -27.16 -14.90 12.46
CA GLY A 461 -25.91 -15.56 12.21
C GLY A 461 -25.53 -15.58 10.74
N ASP A 462 -24.28 -15.98 10.48
CA ASP A 462 -23.77 -15.97 9.11
C ASP A 462 -24.60 -16.86 8.19
N THR A 463 -25.23 -17.89 8.73
CA THR A 463 -26.03 -18.77 7.89
C THR A 463 -27.25 -18.07 7.30
N GLN A 464 -27.60 -16.88 7.79
CA GLN A 464 -28.81 -16.19 7.34
C GLN A 464 -28.53 -14.82 6.73
N THR A 465 -27.27 -14.49 6.47
N THR A 465 -27.28 -14.47 6.46
CA THR A 465 -26.91 -13.23 5.84
CA THR A 465 -26.95 -13.20 5.84
C THR A 465 -26.56 -13.48 4.38
C THR A 465 -26.53 -13.44 4.39
N PHE A 466 -27.07 -12.63 3.49
CA PHE A 466 -26.80 -12.72 2.07
C PHE A 466 -26.39 -11.36 1.55
N MET A 467 -25.70 -11.37 0.40
CA MET A 467 -25.21 -10.15 -0.22
C MET A 467 -25.61 -10.12 -1.69
N PHE A 468 -25.61 -8.92 -2.25
CA PHE A 468 -26.08 -8.67 -3.60
C PHE A 468 -24.97 -8.02 -4.40
N PHE A 469 -24.60 -8.64 -5.52
CA PHE A 469 -23.67 -8.04 -6.48
C PHE A 469 -24.52 -7.47 -7.62
N ARG A 470 -24.66 -6.14 -7.65
CA ARG A 470 -25.58 -5.52 -8.59
C ARG A 470 -25.08 -5.64 -10.03
N LYS A 471 -23.77 -5.68 -10.24
CA LYS A 471 -23.24 -5.76 -11.60
C LYS A 471 -23.67 -7.02 -12.32
N VAL A 472 -24.17 -8.03 -11.61
N VAL A 472 -24.09 -8.05 -11.59
CA VAL A 472 -24.59 -9.26 -12.26
CA VAL A 472 -24.52 -9.31 -12.19
C VAL A 472 -25.88 -9.79 -11.66
C VAL A 472 -25.85 -9.79 -11.63
N GLY A 473 -26.44 -9.05 -10.70
CA GLY A 473 -27.71 -9.48 -10.10
C GLY A 473 -27.63 -10.77 -9.33
N HIS A 474 -26.50 -11.02 -8.65
CA HIS A 474 -26.31 -12.26 -7.92
C HIS A 474 -26.77 -12.11 -6.48
N VAL A 475 -27.50 -13.12 -5.99
CA VAL A 475 -27.85 -13.25 -4.59
C VAL A 475 -27.05 -14.43 -4.04
N MET A 476 -26.16 -14.15 -3.10
CA MET A 476 -25.25 -15.17 -2.61
C MET A 476 -25.21 -15.15 -1.09
N PRO A 477 -24.98 -16.31 -0.47
CA PRO A 477 -24.63 -16.30 0.96
C PRO A 477 -23.32 -15.56 1.16
N VAL A 478 -23.24 -14.82 2.27
CA VAL A 478 -22.07 -13.98 2.51
C VAL A 478 -20.79 -14.81 2.51
N ASN A 479 -20.88 -16.08 2.89
CA ASN A 479 -19.70 -16.91 3.08
C ASN A 479 -19.26 -17.62 1.81
N ASP A 480 -19.87 -17.33 0.66
CA ASP A 480 -19.46 -17.98 -0.58
C ASP A 480 -20.01 -17.17 -1.76
N ASP A 481 -19.15 -16.34 -2.35
CA ASP A 481 -19.53 -15.58 -3.54
C ASP A 481 -19.48 -16.43 -4.81
N GLU A 482 -19.31 -17.74 -4.68
CA GLU A 482 -19.45 -18.66 -5.80
C GLU A 482 -20.80 -19.36 -5.84
N ALA A 483 -21.58 -19.27 -4.77
CA ALA A 483 -22.91 -19.87 -4.69
C ALA A 483 -23.96 -18.80 -4.92
N CYS A 484 -24.90 -19.07 -5.84
CA CYS A 484 -25.89 -18.10 -6.24
C CYS A 484 -27.29 -18.69 -6.09
N LEU A 485 -28.21 -17.87 -5.61
CA LEU A 485 -29.60 -18.29 -5.51
C LEU A 485 -30.23 -18.39 -6.88
N GLN A 486 -31.03 -19.43 -7.09
CA GLN A 486 -31.74 -19.64 -8.33
C GLN A 486 -33.24 -19.76 -8.06
N PRO A 487 -34.08 -19.45 -9.04
CA PRO A 487 -35.53 -19.55 -8.81
C PRO A 487 -35.99 -20.91 -8.34
N SER A 488 -35.18 -21.96 -8.52
CA SER A 488 -35.51 -23.29 -8.02
C SER A 488 -35.53 -23.37 -6.51
N GLY A 489 -35.16 -22.31 -5.79
CA GLY A 489 -35.06 -22.38 -4.35
C GLY A 489 -33.82 -23.07 -3.85
N ARG A 490 -32.70 -22.93 -4.56
CA ARG A 490 -31.50 -23.71 -4.28
C ARG A 490 -30.30 -22.92 -4.75
N LEU A 491 -29.17 -23.14 -4.07
CA LEU A 491 -27.93 -22.46 -4.44
C LEU A 491 -27.21 -23.29 -5.50
N ASP A 492 -26.49 -22.59 -6.38
CA ASP A 492 -25.71 -23.26 -7.41
C ASP A 492 -24.53 -22.37 -7.77
N TRP A 493 -23.58 -22.95 -8.50
CA TRP A 493 -22.37 -22.22 -8.84
C TRP A 493 -22.73 -20.98 -9.64
N CYS A 494 -22.22 -19.83 -9.20
CA CYS A 494 -22.53 -18.57 -9.84
C CYS A 494 -22.02 -18.53 -11.28
N ARG A 495 -22.84 -18.00 -12.17
CA ARG A 495 -22.45 -17.76 -13.56
C ARG A 495 -22.96 -16.38 -13.96
N GLY A 496 -22.13 -15.63 -14.68
CA GLY A 496 -22.52 -14.31 -15.12
C GLY A 496 -23.48 -14.36 -16.30
N THR A 497 -24.63 -15.00 -16.12
CA THR A 497 -25.61 -15.18 -17.18
C THR A 497 -27.00 -14.82 -16.66
N ALA A 498 -27.99 -14.91 -17.55
CA ALA A 498 -29.36 -14.59 -17.17
C ALA A 498 -29.95 -15.63 -16.21
N GLN A 499 -29.36 -16.82 -16.12
CA GLN A 499 -29.85 -17.83 -15.19
C GLN A 499 -29.64 -17.46 -13.73
N PHE A 500 -28.84 -16.44 -13.43
CA PHE A 500 -28.57 -16.05 -12.06
C PHE A 500 -28.85 -14.57 -11.79
N TRP A 501 -29.53 -13.87 -12.70
CA TRP A 501 -29.74 -12.45 -12.55
C TRP A 501 -31.04 -12.19 -11.77
N TRP A 502 -30.91 -11.50 -10.64
CA TRP A 502 -32.05 -11.08 -9.85
C TRP A 502 -32.08 -9.56 -9.77
N ASP A 503 -33.29 -9.02 -9.73
CA ASP A 503 -33.51 -7.61 -9.44
C ASP A 503 -34.22 -7.49 -8.09
N PHE A 504 -33.78 -6.53 -7.29
CA PHE A 504 -34.41 -6.24 -6.00
C PHE A 504 -35.21 -4.95 -6.18
N THR A 505 -36.52 -5.10 -6.36
CA THR A 505 -37.37 -3.99 -6.72
C THR A 505 -37.44 -2.96 -5.59
N SER A 506 -37.98 -1.79 -5.92
CA SER A 506 -38.18 -0.74 -4.93
C SER A 506 -39.23 -1.11 -3.90
N SER A 507 -40.05 -2.13 -4.17
CA SER A 507 -41.07 -2.59 -3.24
C SER A 507 -40.61 -3.80 -2.42
N GLY A 508 -39.37 -4.23 -2.59
CA GLY A 508 -38.84 -5.32 -1.78
C GLY A 508 -38.94 -6.69 -2.38
N GLN A 509 -39.15 -6.81 -3.69
CA GLN A 509 -39.33 -8.08 -4.34
C GLN A 509 -38.01 -8.60 -4.92
N LEU A 510 -37.83 -9.91 -4.87
CA LEU A 510 -36.73 -10.60 -5.55
C LEU A 510 -37.29 -11.12 -6.88
N MET A 511 -37.04 -10.37 -7.95
CA MET A 511 -37.58 -10.68 -9.27
C MET A 511 -36.51 -11.30 -10.15
N PHE A 512 -36.75 -12.54 -10.60
CA PHE A 512 -35.87 -13.19 -11.57
C PHE A 512 -36.08 -12.54 -12.93
N ARG A 513 -35.07 -11.81 -13.41
CA ARG A 513 -35.25 -10.95 -14.57
C ARG A 513 -35.71 -11.73 -15.80
N GLU A 514 -35.19 -12.95 -15.98
CA GLU A 514 -35.44 -13.68 -17.22
C GLU A 514 -36.92 -14.04 -17.37
N THR A 515 -37.56 -14.51 -16.30
CA THR A 515 -38.96 -14.88 -16.34
C THR A 515 -39.89 -13.80 -15.81
N LYS A 516 -39.35 -12.71 -15.29
CA LYS A 516 -40.13 -11.60 -14.76
C LYS A 516 -41.08 -12.05 -13.64
N GLN A 517 -40.77 -13.16 -12.98
CA GLN A 517 -41.51 -13.62 -11.81
C GLN A 517 -40.76 -13.22 -10.54
N CYS A 518 -41.45 -13.37 -9.41
CA CYS A 518 -40.95 -12.93 -8.12
C CYS A 518 -40.99 -14.09 -7.14
N LEU A 519 -40.05 -14.08 -6.19
CA LEU A 519 -39.91 -15.17 -5.23
C LEU A 519 -40.84 -14.96 -4.04
N SER A 520 -41.56 -16.01 -3.66
CA SER A 520 -42.53 -15.97 -2.58
C SER A 520 -42.14 -16.95 -1.48
N ALA A 521 -42.49 -16.59 -0.24
CA ALA A 521 -42.29 -17.44 0.91
C ALA A 521 -43.57 -18.13 1.36
N PHE A 522 -44.60 -18.10 0.53
CA PHE A 522 -45.90 -18.65 0.89
C PHE A 522 -45.77 -20.11 1.32
N GLY A 523 -46.35 -20.43 2.47
CA GLY A 523 -46.32 -21.79 2.97
C GLY A 523 -44.97 -22.28 3.43
N ARG A 524 -44.10 -21.37 3.89
CA ARG A 524 -42.74 -21.73 4.31
C ARG A 524 -42.00 -22.48 3.21
N LYS A 525 -42.34 -22.19 1.95
CA LYS A 525 -41.71 -22.77 0.79
C LYS A 525 -41.30 -21.68 -0.18
N LEU A 526 -40.22 -21.93 -0.92
CA LEU A 526 -39.69 -20.97 -1.88
C LEU A 526 -40.16 -21.36 -3.27
N ARG A 527 -41.09 -20.58 -3.82
CA ARG A 527 -41.66 -20.83 -5.14
C ARG A 527 -41.81 -19.51 -5.88
N MET A 528 -41.77 -19.58 -7.20
CA MET A 528 -41.89 -18.41 -8.06
C MET A 528 -43.35 -18.14 -8.35
N VAL A 529 -43.77 -16.89 -8.22
CA VAL A 529 -45.16 -16.49 -8.41
C VAL A 529 -45.19 -15.18 -9.20
N GLU A 530 -46.37 -14.88 -9.75
CA GLU A 530 -46.56 -13.63 -10.47
C GLU A 530 -46.23 -12.45 -9.56
N CYS A 531 -45.55 -11.45 -10.11
CA CYS A 531 -45.11 -10.33 -9.31
C CYS A 531 -46.30 -9.43 -8.95
N ASP A 532 -46.39 -9.07 -7.68
CA ASP A 532 -47.50 -8.25 -7.19
C ASP A 532 -47.08 -7.68 -5.84
N ASP A 533 -46.87 -6.36 -5.78
CA ASP A 533 -46.40 -5.72 -4.56
C ASP A 533 -47.46 -5.64 -3.47
N THR A 534 -48.67 -6.13 -3.71
CA THR A 534 -49.70 -6.21 -2.68
C THR A 534 -49.70 -7.54 -1.94
N ASP A 535 -48.93 -8.53 -2.42
CA ASP A 535 -48.84 -9.83 -1.76
C ASP A 535 -47.74 -9.79 -0.71
N PRO A 536 -48.06 -9.80 0.59
CA PRO A 536 -46.99 -9.70 1.60
C PRO A 536 -46.05 -10.89 1.61
N TYR A 537 -46.43 -12.02 1.02
CA TYR A 537 -45.57 -13.20 1.02
C TYR A 537 -44.39 -13.07 0.07
N GLN A 538 -44.37 -12.03 -0.78
CA GLN A 538 -43.26 -11.81 -1.70
C GLN A 538 -42.52 -10.51 -1.42
N ILE A 539 -42.73 -9.89 -0.27
CA ILE A 539 -42.03 -8.68 0.13
C ILE A 539 -40.90 -9.08 1.07
N TRP A 540 -39.67 -8.73 0.69
CA TRP A 540 -38.49 -9.05 1.47
C TRP A 540 -37.79 -7.77 1.91
N SER A 541 -37.20 -7.81 3.09
CA SER A 541 -36.31 -6.76 3.57
C SER A 541 -34.87 -7.25 3.48
N TRP A 542 -33.96 -6.35 3.08
CA TRP A 542 -32.55 -6.69 2.92
C TRP A 542 -31.73 -5.51 3.40
N THR A 543 -30.91 -5.75 4.42
CA THR A 543 -30.15 -4.67 5.04
C THR A 543 -29.20 -4.02 4.03
N ALA A 544 -29.26 -2.69 3.96
CA ALA A 544 -28.34 -1.96 3.09
C ALA A 544 -26.91 -2.11 3.60
N TYR A 545 -25.97 -2.20 2.67
CA TYR A 545 -24.55 -2.35 2.99
C TYR A 545 -23.89 -0.97 2.85
N ASN A 546 -23.49 -0.40 3.99
CA ASN A 546 -22.82 0.89 4.03
C ASN A 546 -21.59 0.76 4.92
N PRO A 547 -20.52 0.13 4.43
CA PRO A 547 -19.33 -0.07 5.25
C PRO A 547 -18.60 1.24 5.47
N PRO A 548 -17.71 1.30 6.47
CA PRO A 548 -16.97 2.54 6.73
C PRO A 548 -15.97 2.84 5.63
N ASP A 549 -15.43 4.06 5.69
CA ASP A 549 -14.36 4.45 4.79
C ASP A 549 -13.04 3.79 5.15
N THR A 550 -12.92 3.26 6.36
CA THR A 550 -11.69 2.63 6.84
C THR A 550 -12.05 1.34 7.55
N PHE A 551 -11.29 0.28 7.26
CA PHE A 551 -11.47 -1.00 7.93
C PHE A 551 -10.61 -1.04 9.19
N THR A 552 -11.26 -1.17 10.34
CA THR A 552 -10.55 -1.33 11.61
C THR A 552 -10.38 -2.82 11.88
N PHE A 553 -9.12 -3.26 12.02
CA PHE A 553 -8.85 -4.66 12.25
C PHE A 553 -9.39 -5.11 13.60
N PRO A 554 -9.80 -6.37 13.73
CA PRO A 554 -10.25 -6.85 15.03
C PRO A 554 -9.10 -7.09 16.00
N SER A 555 -9.39 -6.85 17.28
CA SER A 555 -8.40 -7.04 18.33
C SER A 555 -8.05 -8.51 18.51
N VAL A 556 -6.83 -8.75 18.99
CA VAL A 556 -6.38 -10.10 19.31
C VAL A 556 -6.50 -10.36 20.80
N ALA B 26 -27.28 35.54 5.64
CA ALA B 26 -28.42 36.25 5.08
C ALA B 26 -28.72 37.52 5.88
N LEU B 27 -27.91 37.78 6.91
CA LEU B 27 -28.10 38.94 7.77
C LEU B 27 -26.72 39.41 8.23
N GLU B 28 -26.38 40.66 7.90
CA GLU B 28 -25.08 41.24 8.22
C GLU B 28 -25.04 41.94 9.58
N VAL B 29 -26.08 41.81 10.39
CA VAL B 29 -26.15 42.48 11.69
C VAL B 29 -25.48 41.63 12.76
N LEU B 30 -25.04 42.30 13.83
CA LEU B 30 -24.32 41.66 14.94
C LEU B 30 -25.10 42.03 16.20
N GLU B 31 -26.08 41.22 16.55
CA GLU B 31 -26.93 41.47 17.71
C GLU B 31 -26.40 40.63 18.86
N GLY B 32 -25.94 41.28 19.91
CA GLY B 32 -25.36 40.60 21.05
C GLY B 32 -23.85 40.58 21.08
N ALA B 33 -23.20 41.45 20.31
CA ALA B 33 -21.74 41.41 20.19
C ALA B 33 -21.08 41.78 21.51
N GLY B 34 -20.06 41.01 21.89
CA GLY B 34 -19.31 41.26 23.09
C GLY B 34 -18.04 40.43 23.12
N PRO B 35 -17.24 40.60 24.17
CA PRO B 35 -16.03 39.79 24.31
C PRO B 35 -16.35 38.31 24.26
N GLY B 36 -15.57 37.57 23.46
CA GLY B 36 -15.83 36.16 23.26
C GLY B 36 -16.84 35.87 22.17
N ARG B 37 -17.46 36.91 21.62
CA ARG B 37 -18.50 36.78 20.61
C ARG B 37 -18.57 38.08 19.83
N LEU B 38 -17.50 38.41 19.13
CA LEU B 38 -17.37 39.72 18.51
C LEU B 38 -18.30 39.91 17.32
N HIS B 39 -18.90 38.85 16.81
CA HIS B 39 -19.85 38.94 15.71
C HIS B 39 -21.29 38.73 16.17
N GLY B 40 -21.53 38.78 17.48
CA GLY B 40 -22.87 38.59 18.02
C GLY B 40 -23.21 37.15 18.26
N ARG B 41 -24.39 36.94 18.84
CA ARG B 41 -24.87 35.60 19.12
C ARG B 41 -25.09 34.86 17.80
N LEU B 42 -24.39 33.75 17.62
CA LEU B 42 -24.37 33.05 16.35
C LEU B 42 -25.35 31.88 16.32
N GLY B 43 -25.93 31.63 15.15
CA GLY B 43 -26.77 30.47 14.92
C GLY B 43 -27.99 30.38 15.80
N ILE B 44 -28.71 31.49 15.99
CA ILE B 44 -29.94 31.52 16.75
C ILE B 44 -31.10 31.69 15.78
N LYS B 45 -32.11 30.83 15.92
CA LYS B 45 -33.29 30.91 15.07
C LYS B 45 -34.14 32.11 15.46
N PRO B 46 -35.08 32.51 14.59
CA PRO B 46 -35.98 33.63 14.94
C PRO B 46 -36.64 33.49 16.30
N ASP B 47 -37.02 32.27 16.70
CA ASP B 47 -37.70 32.05 17.97
C ASP B 47 -36.74 31.96 19.14
N GLY B 48 -35.47 32.32 18.97
CA GLY B 48 -34.52 32.31 20.06
C GLY B 48 -33.94 30.96 20.41
N GLN B 49 -34.17 29.92 19.56
CA GLN B 49 -33.61 28.61 19.83
C GLN B 49 -32.40 28.34 18.93
N PRO B 50 -31.45 27.52 19.38
CA PRO B 50 -30.28 27.23 18.54
C PRO B 50 -30.68 26.54 17.25
N GLY B 51 -29.98 26.88 16.17
CA GLY B 51 -30.25 26.33 14.86
C GLY B 51 -29.76 24.92 14.63
N TYR B 52 -29.31 24.23 15.67
CA TYR B 52 -28.88 22.84 15.56
C TYR B 52 -29.03 22.20 16.92
N THR B 53 -29.25 20.88 16.91
CA THR B 53 -29.53 20.13 18.13
C THR B 53 -28.23 19.50 18.62
N ARG B 54 -27.72 19.98 19.75
CA ARG B 54 -26.57 19.36 20.37
C ARG B 54 -26.90 17.91 20.71
N ALA B 55 -25.91 17.04 20.58
CA ALA B 55 -26.12 15.62 20.84
C ALA B 55 -26.01 15.32 22.33
N PRO B 56 -26.62 14.24 22.80
CA PRO B 56 -26.43 13.83 24.19
C PRO B 56 -25.01 13.36 24.42
N SER B 57 -24.67 13.17 25.69
CA SER B 57 -23.36 12.66 26.03
C SER B 57 -23.13 11.33 25.33
N PRO B 58 -21.91 11.04 24.88
CA PRO B 58 -21.66 9.78 24.19
C PRO B 58 -22.08 8.61 25.03
N PRO B 59 -22.50 7.50 24.41
CA PRO B 59 -22.83 6.31 25.18
C PRO B 59 -21.67 5.90 26.08
N THR B 60 -22.01 5.32 27.24
CA THR B 60 -20.99 4.97 28.22
C THR B 60 -20.11 3.83 27.76
N ASP B 61 -20.64 2.91 26.95
CA ASP B 61 -19.88 1.78 26.43
C ASP B 61 -19.24 2.08 25.07
N LEU B 62 -18.89 3.34 24.82
CA LEU B 62 -18.39 3.72 23.50
C LEU B 62 -17.04 3.06 23.25
N SER B 63 -16.91 2.39 22.10
CA SER B 63 -15.66 1.77 21.67
C SER B 63 -14.87 2.79 20.86
N MET B 64 -13.80 3.31 21.44
CA MET B 64 -13.09 4.43 20.83
C MET B 64 -12.50 4.08 19.47
N PRO B 65 -11.73 3.00 19.31
CA PRO B 65 -11.18 2.69 17.98
C PRO B 65 -12.24 2.62 16.89
N GLN B 66 -13.47 2.27 17.24
CA GLN B 66 -14.56 2.27 16.25
C GLN B 66 -15.03 3.68 15.94
N ALA B 67 -15.41 4.44 16.98
CA ALA B 67 -15.90 5.79 16.76
C ALA B 67 -14.93 6.61 15.93
N LEU B 68 -13.63 6.46 16.18
CA LEU B 68 -12.64 7.18 15.39
C LEU B 68 -12.70 6.77 13.92
N ALA B 69 -12.83 5.47 13.65
CA ALA B 69 -12.92 5.01 12.26
C ALA B 69 -14.24 5.44 11.63
N ARG B 70 -15.29 5.65 12.44
CA ARG B 70 -16.55 6.14 11.91
C ARG B 70 -16.57 7.66 11.79
N GLY B 71 -15.78 8.36 12.60
CA GLY B 71 -15.76 9.81 12.64
C GLY B 71 -14.72 10.47 11.78
N GLY B 72 -14.05 9.72 10.90
CA GLY B 72 -13.06 10.33 10.03
C GLY B 72 -11.82 10.83 10.73
N GLY B 73 -11.42 10.19 11.82
CA GLY B 73 -10.21 10.55 12.53
C GLY B 73 -10.42 11.19 13.88
N PHE B 74 -11.67 11.39 14.31
CA PHE B 74 -11.93 11.94 15.63
C PHE B 74 -13.26 11.41 16.15
N ASN B 75 -13.45 11.56 17.46
CA ASN B 75 -14.64 11.09 18.16
C ASN B 75 -15.78 12.03 17.84
N LEU B 76 -16.67 11.62 16.92
CA LEU B 76 -17.78 12.47 16.53
C LEU B 76 -18.91 12.42 17.56
N TYR B 77 -19.04 11.32 18.29
CA TYR B 77 -20.01 11.28 19.39
C TYR B 77 -19.78 12.43 20.35
N LEU B 78 -18.50 12.70 20.66
CA LEU B 78 -18.17 13.79 21.59
C LEU B 78 -18.25 15.15 20.90
N SER B 79 -17.73 15.25 19.67
CA SER B 79 -17.81 16.51 18.95
C SER B 79 -19.24 16.98 18.81
N ASP B 80 -20.15 16.06 18.46
CA ASP B 80 -21.56 16.42 18.33
C ASP B 80 -22.15 16.86 19.67
N HIS B 81 -21.62 16.37 20.78
CA HIS B 81 -22.14 16.75 22.09
C HIS B 81 -21.60 18.09 22.57
N LEU B 82 -20.39 18.47 22.15
CA LEU B 82 -19.80 19.72 22.59
C LEU B 82 -20.45 20.90 21.86
N GLU B 83 -20.44 22.04 22.52
CA GLU B 83 -21.06 23.23 21.96
C GLU B 83 -20.25 23.79 20.80
N LEU B 84 -20.94 24.46 19.87
CA LEU B 84 -20.24 25.16 18.80
C LEU B 84 -19.54 26.42 19.30
N ASP B 85 -20.07 27.04 20.36
CA ASP B 85 -19.45 28.20 20.98
C ASP B 85 -18.49 27.79 22.09
N ARG B 86 -17.83 26.65 21.94
CA ARG B 86 -16.89 26.12 22.92
C ARG B 86 -15.83 27.16 23.29
N THR B 87 -15.60 27.31 24.59
N THR B 87 -15.63 27.32 24.60
CA THR B 87 -14.54 28.19 25.08
CA THR B 87 -14.54 28.15 25.09
C THR B 87 -13.23 27.43 25.15
C THR B 87 -13.23 27.37 25.05
N ALA B 88 -12.16 28.05 24.67
CA ALA B 88 -10.85 27.42 24.63
C ALA B 88 -9.88 28.19 25.53
N PRO B 89 -8.89 27.51 26.10
CA PRO B 89 -7.86 28.23 26.85
C PRO B 89 -7.03 29.11 25.93
N ASP B 90 -6.58 30.24 26.47
CA ASP B 90 -5.68 31.13 25.74
C ASP B 90 -4.28 30.54 25.78
N ALA B 91 -3.82 29.99 24.66
CA ALA B 91 -2.53 29.32 24.59
C ALA B 91 -1.36 30.29 24.37
N ARG B 92 -1.61 31.60 24.31
CA ARG B 92 -0.54 32.54 24.06
C ARG B 92 0.31 32.75 25.30
N HIS B 93 1.58 33.08 25.07
CA HIS B 93 2.46 33.50 26.14
C HIS B 93 1.95 34.81 26.75
N ALA B 94 2.14 34.97 28.05
CA ALA B 94 1.59 36.13 28.76
C ALA B 94 2.00 37.43 28.08
N SER B 95 3.23 37.50 27.58
CA SER B 95 3.73 38.72 26.94
C SER B 95 2.98 39.03 25.64
N CYS B 96 2.34 38.04 25.02
CA CYS B 96 1.58 38.31 23.80
C CYS B 96 0.37 39.18 24.09
N ARG B 97 -0.16 39.13 25.32
CA ARG B 97 -1.33 39.93 25.67
C ARG B 97 -0.99 41.39 25.92
N GLN B 98 0.28 41.72 26.15
CA GLN B 98 0.69 43.10 26.34
C GLN B 98 0.81 43.88 25.04
N LEU B 99 0.39 43.31 23.91
CA LEU B 99 0.48 43.97 22.62
C LEU B 99 -0.80 44.71 22.29
N HIS B 100 -0.64 45.81 21.56
CA HIS B 100 -1.72 46.71 21.17
C HIS B 100 -1.85 46.76 19.66
N TYR B 101 -3.10 46.73 19.19
CA TYR B 101 -3.41 46.77 17.77
C TYR B 101 -4.46 47.84 17.51
N ASP B 102 -4.31 48.54 16.39
CA ASP B 102 -5.24 49.59 15.98
C ASP B 102 -6.08 49.02 14.83
N LEU B 103 -7.25 48.49 15.17
CA LEU B 103 -8.07 47.81 14.18
C LEU B 103 -8.50 48.73 13.04
N SER B 104 -8.45 50.04 13.23
CA SER B 104 -8.86 50.97 12.18
C SER B 104 -7.80 51.09 11.09
N THR B 105 -6.52 50.96 11.46
CA THR B 105 -5.42 51.08 10.49
C THR B 105 -4.97 49.72 9.96
N LEU B 106 -5.48 48.61 10.49
CA LEU B 106 -5.08 47.32 9.98
C LEU B 106 -5.88 46.99 8.71
N PRO B 107 -5.26 46.33 7.73
CA PRO B 107 -6.03 45.90 6.56
C PRO B 107 -6.96 44.75 6.91
N LYS B 108 -8.05 44.65 6.16
CA LYS B 108 -8.99 43.56 6.34
C LYS B 108 -8.42 42.27 5.75
N ALA B 109 -8.96 41.14 6.19
CA ALA B 109 -8.54 39.83 5.73
C ALA B 109 -9.75 38.98 5.39
N SER B 110 -9.57 38.09 4.42
CA SER B 110 -10.56 37.09 4.06
C SER B 110 -10.11 35.74 4.59
N VAL B 111 -10.91 35.14 5.46
CA VAL B 111 -10.61 33.84 6.03
C VAL B 111 -11.19 32.77 5.11
N ILE B 112 -10.37 31.79 4.77
CA ILE B 112 -10.75 30.72 3.85
C ILE B 112 -10.68 29.40 4.59
N ILE B 113 -11.76 28.63 4.54
CA ILE B 113 -11.83 27.29 5.12
C ILE B 113 -12.34 26.36 4.03
N VAL B 114 -11.47 25.49 3.54
CA VAL B 114 -11.86 24.47 2.57
C VAL B 114 -12.11 23.18 3.33
N PHE B 115 -13.00 22.35 2.80
CA PHE B 115 -13.36 21.12 3.50
C PHE B 115 -13.92 20.11 2.51
N TYR B 116 -13.59 18.84 2.74
CA TYR B 116 -14.20 17.72 2.04
C TYR B 116 -14.79 16.78 3.08
N ASN B 117 -16.12 16.77 3.18
CA ASN B 117 -16.82 15.87 4.10
C ASN B 117 -16.38 16.10 5.54
N GLU B 118 -16.19 17.36 5.91
CA GLU B 118 -15.95 17.68 7.31
C GLU B 118 -17.27 17.59 8.07
N PRO B 119 -17.32 16.87 9.19
CA PRO B 119 -18.58 16.77 9.93
C PRO B 119 -19.12 18.14 10.30
N PHE B 120 -20.44 18.19 10.52
CA PHE B 120 -21.10 19.46 10.81
C PHE B 120 -20.55 20.10 12.08
N SER B 121 -20.38 19.30 13.14
CA SER B 121 -20.02 19.86 14.44
C SER B 121 -18.64 20.52 14.39
N THR B 122 -17.65 19.83 13.81
CA THR B 122 -16.31 20.39 13.76
C THR B 122 -16.23 21.57 12.79
N LEU B 123 -16.90 21.47 11.64
CA LEU B 123 -16.85 22.54 10.66
C LEU B 123 -17.47 23.82 11.20
N MET B 124 -18.66 23.70 11.81
CA MET B 124 -19.34 24.89 12.31
C MET B 124 -18.67 25.43 13.57
N ARG B 125 -18.08 24.56 14.40
CA ARG B 125 -17.32 25.06 15.54
C ARG B 125 -16.13 25.88 15.07
N SER B 126 -15.49 25.47 13.99
CA SER B 126 -14.42 26.28 13.40
C SER B 126 -14.95 27.64 12.98
N VAL B 127 -16.10 27.66 12.30
CA VAL B 127 -16.70 28.91 11.85
C VAL B 127 -17.08 29.77 13.05
N HIS B 128 -17.74 29.16 14.04
CA HIS B 128 -18.08 29.90 15.26
C HIS B 128 -16.84 30.46 15.94
N SER B 129 -15.76 29.66 16.00
N SER B 129 -15.76 29.67 16.01
CA SER B 129 -14.54 30.12 16.66
CA SER B 129 -14.54 30.12 16.66
C SER B 129 -13.96 31.35 15.98
C SER B 129 -13.97 31.36 15.98
N VAL B 130 -13.96 31.36 14.64
CA VAL B 130 -13.42 32.50 13.91
C VAL B 130 -14.27 33.75 14.14
N LEU B 131 -15.57 33.63 13.91
CA LEU B 131 -16.46 34.78 14.07
C LEU B 131 -16.46 35.30 15.50
N ASN B 132 -16.48 34.38 16.48
CA ASN B 132 -16.48 34.80 17.87
C ASN B 132 -15.18 35.48 18.27
N GLY B 133 -14.07 35.10 17.65
CA GLY B 133 -12.76 35.57 18.09
C GLY B 133 -12.02 36.41 17.08
N THR B 134 -12.74 37.01 16.13
CA THR B 134 -12.14 37.89 15.14
C THR B 134 -12.95 39.17 15.11
N PRO B 135 -12.36 40.34 15.41
CA PRO B 135 -13.11 41.59 15.35
C PRO B 135 -13.74 41.78 13.99
N PRO B 136 -15.01 42.19 13.93
CA PRO B 136 -15.65 42.35 12.61
C PRO B 136 -14.98 43.40 11.74
N GLN B 137 -14.19 44.29 12.32
CA GLN B 137 -13.62 45.39 11.56
C GLN B 137 -12.52 44.91 10.63
N ILE B 138 -11.80 43.84 11.01
CA ILE B 138 -10.68 43.34 10.25
C ILE B 138 -11.01 42.09 9.46
N LEU B 139 -12.26 41.62 9.53
CA LEU B 139 -12.69 40.41 8.84
C LEU B 139 -13.60 40.80 7.68
N GLU B 140 -13.04 40.83 6.47
CA GLU B 140 -13.84 41.14 5.30
C GLU B 140 -14.94 40.10 5.10
N GLU B 141 -14.60 38.82 5.21
CA GLU B 141 -15.53 37.75 4.89
C GLU B 141 -14.95 36.43 5.39
N LEU B 142 -15.80 35.41 5.41
CA LEU B 142 -15.40 34.05 5.73
C LEU B 142 -15.90 33.15 4.59
N ILE B 143 -14.98 32.62 3.81
CA ILE B 143 -15.31 31.83 2.63
C ILE B 143 -15.18 30.36 2.97
N LEU B 144 -16.28 29.62 2.79
CA LEU B 144 -16.30 28.18 2.95
C LEU B 144 -16.30 27.54 1.57
N VAL B 145 -15.34 26.65 1.32
CA VAL B 145 -15.15 26.03 0.02
C VAL B 145 -15.48 24.54 0.16
N ASP B 146 -16.62 24.14 -0.38
CA ASP B 146 -17.01 22.74 -0.44
C ASP B 146 -16.29 22.10 -1.62
N ASP B 147 -15.27 21.29 -1.33
CA ASP B 147 -14.47 20.66 -2.38
C ASP B 147 -15.10 19.34 -2.82
N GLY B 148 -16.31 19.46 -3.37
CA GLY B 148 -17.01 18.30 -3.89
C GLY B 148 -17.45 17.32 -2.83
N SER B 149 -17.96 17.80 -1.70
CA SER B 149 -18.39 16.92 -0.62
C SER B 149 -19.55 16.04 -1.09
N THR B 150 -19.67 14.87 -0.47
CA THR B 150 -20.73 13.92 -0.77
C THR B 150 -21.67 13.67 0.40
N LEU B 151 -21.38 14.19 1.59
CA LEU B 151 -22.26 13.98 2.73
C LEU B 151 -23.63 14.59 2.44
N PRO B 152 -24.72 13.96 2.90
CA PRO B 152 -26.04 14.55 2.62
C PRO B 152 -26.23 15.93 3.21
N TYR B 153 -25.59 16.22 4.34
CA TYR B 153 -25.79 17.50 5.00
C TYR B 153 -25.17 18.66 4.24
N ILE B 154 -24.31 18.37 3.25
CA ILE B 154 -23.62 19.40 2.48
C ILE B 154 -24.16 19.48 1.06
N ARG B 155 -24.39 18.34 0.41
CA ARG B 155 -24.68 18.31 -1.02
C ARG B 155 -25.78 19.31 -1.40
N GLU B 156 -25.69 19.82 -2.63
CA GLU B 156 -26.75 20.66 -3.15
C GLU B 156 -28.07 19.90 -3.23
N ASP B 157 -28.02 18.60 -3.51
CA ASP B 157 -29.20 17.76 -3.58
C ASP B 157 -29.42 16.95 -2.30
N GLY B 158 -28.96 17.47 -1.17
CA GLY B 158 -29.09 16.81 0.11
C GLY B 158 -30.19 17.40 0.96
N ASN B 159 -30.06 17.19 2.28
CA ASN B 159 -31.07 17.66 3.22
C ASN B 159 -30.93 19.15 3.54
N GLN B 160 -29.89 19.82 3.02
CA GLN B 160 -29.73 21.26 3.10
C GLN B 160 -29.39 21.75 4.50
N GLN B 161 -28.96 20.87 5.40
CA GLN B 161 -28.65 21.30 6.76
C GLN B 161 -27.65 22.45 6.76
N LEU B 162 -26.54 22.28 6.02
CA LEU B 162 -25.50 23.31 6.02
C LEU B 162 -26.03 24.63 5.47
N VAL B 163 -26.63 24.59 4.27
CA VAL B 163 -27.13 25.81 3.65
C VAL B 163 -28.17 26.48 4.55
N GLU B 164 -29.05 25.68 5.16
CA GLU B 164 -30.05 26.25 6.05
C GLU B 164 -29.41 26.92 7.26
N TYR B 165 -28.38 26.29 7.82
CA TYR B 165 -27.76 26.84 9.03
C TYR B 165 -26.95 28.10 8.73
N LEU B 166 -26.39 28.21 7.52
CA LEU B 166 -25.59 29.39 7.19
C LEU B 166 -26.43 30.65 7.18
N LYS B 167 -27.74 30.54 6.95
CA LYS B 167 -28.61 31.71 6.99
C LYS B 167 -28.68 32.32 8.38
N LEU B 168 -28.28 31.57 9.41
CA LEU B 168 -28.28 32.05 10.79
C LEU B 168 -26.94 32.65 11.20
N LEU B 169 -26.02 32.81 10.26
CA LEU B 169 -24.72 33.40 10.50
C LEU B 169 -24.58 34.72 9.76
N PRO B 170 -23.62 35.56 10.13
CA PRO B 170 -23.44 36.84 9.44
C PRO B 170 -23.35 36.65 7.93
N ALA B 171 -23.75 37.70 7.20
CA ALA B 171 -23.66 37.66 5.74
C ALA B 171 -22.22 37.57 5.27
N LYS B 172 -21.25 37.84 6.14
CA LYS B 172 -19.85 37.68 5.79
C LYS B 172 -19.56 36.27 5.30
N VAL B 173 -20.21 35.28 5.90
CA VAL B 173 -19.95 33.88 5.58
C VAL B 173 -20.58 33.55 4.24
N ARG B 174 -19.75 33.09 3.30
CA ARG B 174 -20.22 32.72 1.96
C ARG B 174 -19.71 31.33 1.63
N LEU B 175 -20.58 30.51 1.04
CA LEU B 175 -20.23 29.15 0.64
C LEU B 175 -20.04 29.11 -0.87
N ILE B 176 -18.94 28.50 -1.31
CA ILE B 176 -18.72 28.20 -2.72
C ILE B 176 -18.32 26.73 -2.80
N ARG B 177 -18.48 26.15 -3.99
CA ARG B 177 -18.34 24.73 -4.17
C ARG B 177 -17.52 24.41 -5.41
N ASN B 178 -16.74 23.33 -5.32
CA ASN B 178 -16.19 22.66 -6.50
C ASN B 178 -17.08 21.47 -6.81
N GLU B 179 -17.69 21.48 -7.99
CA GLU B 179 -18.61 20.40 -8.36
C GLU B 179 -17.91 19.04 -8.34
N VAL B 180 -16.58 19.01 -8.47
CA VAL B 180 -15.80 17.79 -8.38
C VAL B 180 -14.63 18.06 -7.44
N ARG B 181 -14.33 17.10 -6.57
CA ARG B 181 -13.25 17.27 -5.61
C ARG B 181 -11.94 17.50 -6.35
N LYS B 182 -11.32 18.65 -6.10
CA LYS B 182 -10.09 19.04 -6.78
C LYS B 182 -8.84 18.86 -5.94
N GLY B 183 -8.97 18.84 -4.62
CA GLY B 183 -7.83 18.68 -3.74
C GLY B 183 -7.52 19.96 -2.97
N ILE B 184 -6.47 19.85 -2.15
CA ILE B 184 -6.07 20.99 -1.31
C ILE B 184 -5.72 22.19 -2.16
N VAL B 185 -4.85 22.00 -3.16
CA VAL B 185 -4.43 23.12 -4.01
C VAL B 185 -5.63 23.69 -4.76
N GLY B 186 -6.34 22.84 -5.49
CA GLY B 186 -7.49 23.32 -6.25
C GLY B 186 -8.54 23.97 -5.37
N ALA B 187 -8.77 23.39 -4.18
CA ALA B 187 -9.77 23.96 -3.28
C ALA B 187 -9.33 25.31 -2.73
N ARG B 188 -8.06 25.42 -2.32
CA ARG B 188 -7.58 26.68 -1.78
C ARG B 188 -7.54 27.77 -2.85
N MET B 189 -7.19 27.40 -4.08
CA MET B 189 -7.17 28.39 -5.17
C MET B 189 -8.57 28.94 -5.44
N LYS B 190 -9.59 28.09 -5.40
CA LYS B 190 -10.95 28.56 -5.56
C LYS B 190 -11.29 29.62 -4.51
N GLY B 191 -10.98 29.32 -3.25
CA GLY B 191 -11.25 30.29 -2.19
C GLY B 191 -10.42 31.55 -2.31
N ILE B 192 -9.12 31.40 -2.60
CA ILE B 192 -8.23 32.56 -2.69
C ILE B 192 -8.69 33.50 -3.79
N ARG B 193 -9.14 32.93 -4.92
N ARG B 193 -9.14 32.93 -4.92
CA ARG B 193 -9.58 33.76 -6.03
CA ARG B 193 -9.58 33.76 -6.03
C ARG B 193 -10.86 34.52 -5.71
C ARG B 193 -10.84 34.54 -5.67
N ALA B 194 -11.72 33.96 -4.86
CA ALA B 194 -12.99 34.60 -4.52
C ALA B 194 -12.86 35.69 -3.46
N SER B 195 -11.70 35.82 -2.82
CA SER B 195 -11.51 36.77 -1.73
C SER B 195 -11.31 38.20 -2.23
N ARG B 196 -11.68 39.18 -1.39
CA ARG B 196 -11.49 40.60 -1.69
C ARG B 196 -10.34 41.21 -0.92
N ALA B 197 -10.20 40.86 0.35
CA ALA B 197 -9.29 41.59 1.22
C ALA B 197 -7.90 41.62 0.62
N PRO B 198 -7.09 42.63 0.94
CA PRO B 198 -5.70 42.62 0.49
C PRO B 198 -4.92 41.45 1.04
N ILE B 199 -5.45 40.79 2.08
CA ILE B 199 -4.81 39.66 2.72
C ILE B 199 -5.84 38.56 2.86
N PHE B 200 -5.40 37.31 2.70
CA PHE B 200 -6.23 36.15 2.96
C PHE B 200 -5.54 35.27 3.99
N ALA B 201 -6.35 34.54 4.75
CA ALA B 201 -5.86 33.63 5.77
C ALA B 201 -6.51 32.28 5.55
N ILE B 202 -5.69 31.26 5.35
CA ILE B 202 -6.17 29.89 5.11
C ILE B 202 -6.15 29.15 6.44
N LEU B 203 -7.28 28.55 6.78
CA LEU B 203 -7.44 27.79 8.01
C LEU B 203 -8.03 26.42 7.69
N ASP B 204 -7.83 25.49 8.61
CA ASP B 204 -8.39 24.16 8.49
C ASP B 204 -9.87 24.17 8.90
N SER B 205 -10.57 23.09 8.56
CA SER B 205 -12.00 22.97 8.84
C SER B 205 -12.29 22.28 10.17
N HIS B 206 -11.27 22.12 11.03
CA HIS B 206 -11.43 21.47 12.32
C HIS B 206 -10.49 22.16 13.29
N ILE B 207 -10.78 23.42 13.60
CA ILE B 207 -9.89 24.26 14.39
C ILE B 207 -10.67 25.07 15.41
N GLU B 208 -9.93 25.60 16.38
CA GLU B 208 -10.43 26.58 17.34
C GLU B 208 -9.28 27.55 17.58
N VAL B 209 -9.58 28.84 17.56
CA VAL B 209 -8.55 29.87 17.60
C VAL B 209 -8.37 30.36 19.03
N SER B 210 -7.15 30.80 19.33
CA SER B 210 -6.88 31.55 20.54
C SER B 210 -7.22 33.01 20.32
N PRO B 211 -7.30 33.80 21.38
CA PRO B 211 -7.69 35.21 21.21
C PRO B 211 -6.67 35.97 20.37
N GLN B 212 -7.18 36.95 19.61
CA GLN B 212 -6.36 37.85 18.81
C GLN B 212 -5.41 37.07 17.89
N TRP B 213 -5.95 36.05 17.22
CA TRP B 213 -5.13 35.24 16.34
C TRP B 213 -4.80 35.97 15.04
N LEU B 214 -5.70 36.84 14.58
CA LEU B 214 -5.53 37.48 13.28
C LEU B 214 -4.74 38.77 13.36
N GLU B 215 -4.91 39.55 14.43
CA GLU B 215 -4.23 40.83 14.54
C GLU B 215 -2.73 40.75 14.29
N PRO B 216 -2.00 39.81 14.88
CA PRO B 216 -0.54 39.77 14.64
C PRO B 216 -0.20 39.51 13.18
N LEU B 217 -0.99 38.68 12.49
CA LEU B 217 -0.69 38.38 11.10
C LEU B 217 -0.91 39.60 10.21
N LEU B 218 -2.01 40.34 10.43
CA LEU B 218 -2.29 41.51 9.62
C LEU B 218 -1.22 42.59 9.81
N LEU B 219 -0.81 42.84 11.05
CA LEU B 219 0.21 43.85 11.30
C LEU B 219 1.52 43.47 10.64
N ARG B 220 1.89 42.19 10.69
CA ARG B 220 3.16 41.76 10.13
C ARG B 220 3.17 41.89 8.61
N ILE B 221 2.08 41.50 7.95
CA ILE B 221 2.02 41.58 6.50
C ILE B 221 1.88 43.02 6.05
N LYS B 222 1.25 43.87 6.86
CA LYS B 222 1.13 45.28 6.52
C LYS B 222 2.49 45.93 6.36
N GLU B 223 3.42 45.65 7.29
CA GLU B 223 4.73 46.27 7.22
C GLU B 223 5.50 45.84 5.98
N ASP B 224 5.33 44.58 5.56
CA ASP B 224 6.04 44.05 4.40
C ASP B 224 5.17 42.99 3.75
N SER B 225 4.64 43.29 2.57
CA SER B 225 3.72 42.39 1.89
C SER B 225 4.38 41.13 1.35
N ARG B 226 5.71 41.05 1.38
CA ARG B 226 6.40 39.85 0.91
C ARG B 226 6.44 38.75 1.96
N ARG B 227 5.91 39.00 3.16
CA ARG B 227 5.93 38.02 4.23
C ARG B 227 4.70 37.13 4.16
N VAL B 228 4.93 35.82 4.23
CA VAL B 228 3.87 34.84 4.44
C VAL B 228 3.99 34.39 5.90
N VAL B 229 2.99 34.71 6.71
CA VAL B 229 3.04 34.50 8.15
C VAL B 229 2.07 33.38 8.52
N MET B 230 2.50 32.49 9.40
N MET B 230 2.52 32.49 9.40
CA MET B 230 1.69 31.35 9.79
CA MET B 230 1.77 31.33 9.83
C MET B 230 1.57 31.28 11.31
C MET B 230 1.55 31.40 11.34
N PRO B 231 0.35 31.10 11.84
CA PRO B 231 0.19 30.96 13.28
C PRO B 231 0.84 29.67 13.78
N GLN B 232 1.12 29.64 15.08
CA GLN B 232 1.58 28.43 15.71
C GLN B 232 0.37 27.54 16.04
N ILE B 233 0.55 26.24 15.89
CA ILE B 233 -0.56 25.30 15.89
C ILE B 233 -0.55 24.53 17.21
N ASP B 234 -1.62 24.69 17.98
CA ASP B 234 -1.86 23.88 19.16
C ASP B 234 -2.76 22.70 18.78
N GLY B 235 -3.04 21.84 19.75
CA GLY B 235 -3.70 20.57 19.48
C GLY B 235 -5.05 20.45 20.16
N ILE B 236 -5.95 19.72 19.52
CA ILE B 236 -7.19 19.24 20.12
C ILE B 236 -7.20 17.72 20.00
N ASP B 237 -7.22 17.03 21.13
CA ASP B 237 -7.13 15.58 21.11
C ASP B 237 -8.33 14.97 20.38
N ALA B 238 -8.05 14.09 19.43
CA ALA B 238 -9.12 13.50 18.63
C ALA B 238 -10.06 12.65 19.48
N GLU B 239 -9.55 12.07 20.57
CA GLU B 239 -10.37 11.17 21.38
C GLU B 239 -11.14 11.92 22.47
N THR B 240 -10.48 12.83 23.17
CA THR B 240 -11.06 13.53 24.31
C THR B 240 -11.36 14.99 24.03
N PHE B 241 -10.86 15.54 22.92
CA PHE B 241 -11.05 16.94 22.56
C PHE B 241 -10.43 17.90 23.56
N LYS B 242 -9.54 17.41 24.43
CA LYS B 242 -8.82 18.30 25.33
C LYS B 242 -7.94 19.24 24.52
N HIS B 243 -7.82 20.48 25.00
CA HIS B 243 -6.91 21.44 24.41
C HIS B 243 -5.48 21.15 24.89
N ILE B 244 -4.56 21.03 23.94
CA ILE B 244 -3.19 20.64 24.20
C ILE B 244 -2.26 21.73 23.69
N ALA B 245 -1.25 22.08 24.48
CA ALA B 245 -0.28 23.09 24.06
C ALA B 245 0.58 22.57 22.91
N GLY B 246 0.76 23.39 21.88
CA GLY B 246 1.66 23.03 20.79
C GLY B 246 3.11 23.06 21.24
N GLY B 247 3.83 21.97 20.94
CA GLY B 247 5.23 21.83 21.28
C GLY B 247 6.19 22.09 20.15
N ILE B 248 5.70 22.50 18.98
CA ILE B 248 6.54 22.68 17.81
C ILE B 248 7.11 24.09 17.84
N GLY B 249 8.42 24.20 17.65
CA GLY B 249 9.02 25.50 17.49
C GLY B 249 8.58 26.09 16.16
N CYS B 250 9.14 27.25 15.85
CA CYS B 250 8.75 27.93 14.62
C CYS B 250 9.48 27.35 13.41
N LYS B 251 10.72 26.94 13.59
CA LYS B 251 11.61 26.58 12.48
C LYS B 251 11.40 25.14 12.05
N LEU B 252 11.15 24.95 10.75
CA LEU B 252 10.96 23.64 10.15
C LEU B 252 11.94 23.47 9.00
N GLY B 253 12.70 22.40 9.03
CA GLY B 253 13.52 21.99 7.90
C GLY B 253 12.75 21.03 7.01
N PHE B 254 13.49 20.15 6.34
CA PHE B 254 12.87 19.13 5.51
C PHE B 254 13.75 17.90 5.48
N LEU B 255 13.13 16.76 5.26
CA LEU B 255 13.84 15.50 5.04
C LEU B 255 13.92 15.23 3.55
N TRP B 256 14.94 14.46 3.16
CA TRP B 256 15.15 14.14 1.76
C TRP B 256 14.11 13.19 1.21
N LYS B 257 13.25 12.65 2.07
CA LYS B 257 11.99 12.05 1.62
C LYS B 257 10.98 13.09 1.19
N LEU B 258 11.32 14.38 1.26
CA LEU B 258 10.47 15.49 0.86
C LEU B 258 9.26 15.63 1.78
N MET B 259 9.51 15.77 3.07
CA MET B 259 8.50 16.12 4.05
C MET B 259 9.14 17.06 5.06
N GLU B 260 8.39 18.06 5.50
CA GLU B 260 8.91 19.01 6.47
C GLU B 260 9.27 18.29 7.77
N HIS B 261 10.21 18.88 8.53
CA HIS B 261 10.70 18.25 9.74
C HIS B 261 11.20 19.34 10.68
N SER B 262 10.69 19.34 11.91
CA SER B 262 11.08 20.36 12.88
C SER B 262 12.59 20.31 13.11
N TYR B 263 13.17 21.50 13.30
CA TYR B 263 14.58 21.60 13.65
C TYR B 263 14.88 20.71 14.84
N GLU B 264 15.93 19.90 14.71
CA GLU B 264 16.34 19.05 15.82
C GLU B 264 17.28 19.85 16.72
N GLY B 265 17.64 19.23 17.85
CA GLY B 265 18.48 19.93 18.81
C GLY B 265 19.80 20.37 18.21
N HIS B 266 20.45 19.46 17.49
CA HIS B 266 21.75 19.78 16.89
C HIS B 266 21.63 20.77 15.74
N GLN B 267 20.44 20.88 15.13
CA GLN B 267 20.25 21.89 14.09
C GLN B 267 19.99 23.26 14.70
N THR B 268 19.23 23.31 15.79
CA THR B 268 19.01 24.59 16.47
C THR B 268 20.32 25.17 16.97
N ALA B 269 21.24 24.32 17.40
CA ALA B 269 22.53 24.78 17.91
C ALA B 269 23.40 25.42 16.83
N ARG B 270 23.15 25.12 15.56
CA ARG B 270 23.91 25.72 14.48
C ARG B 270 23.44 27.13 14.13
N LEU B 271 22.27 27.54 14.62
CA LEU B 271 21.78 28.87 14.34
C LEU B 271 22.72 29.93 14.91
N PRO B 272 22.65 31.16 14.39
CA PRO B 272 23.36 32.26 15.02
C PRO B 272 22.98 32.36 16.48
N PRO B 273 23.91 32.75 17.35
CA PRO B 273 23.60 32.73 18.80
C PRO B 273 22.42 33.60 19.17
N GLU B 274 22.15 34.65 18.40
CA GLU B 274 21.03 35.54 18.70
C GLU B 274 19.68 34.93 18.35
N GLU B 275 19.65 33.80 17.66
CA GLU B 275 18.40 33.19 17.22
C GLU B 275 18.12 31.84 17.85
N ARG B 276 19.00 31.36 18.74
CA ARG B 276 18.82 30.02 19.30
C ARG B 276 17.69 29.99 20.33
N GLN B 277 17.47 31.07 21.05
CA GLN B 277 16.42 31.16 22.07
C GLN B 277 15.70 32.49 21.88
N PRO B 278 14.81 32.58 20.90
CA PRO B 278 14.13 33.85 20.62
C PRO B 278 13.01 34.11 21.62
N SER B 279 12.66 35.40 21.71
CA SER B 279 11.60 35.81 22.62
C SER B 279 10.26 35.24 22.15
N PRO B 280 9.32 35.04 23.07
CA PRO B 280 8.03 34.43 22.67
C PRO B 280 7.15 35.34 21.84
N THR B 281 7.53 36.61 21.66
CA THR B 281 6.77 37.54 20.84
C THR B 281 7.44 37.82 19.49
N ASP B 282 8.64 37.30 19.27
CA ASP B 282 9.37 37.57 18.04
C ASP B 282 8.83 36.72 16.89
N PHE B 283 8.67 37.35 15.73
CA PHE B 283 8.40 36.61 14.51
C PHE B 283 9.68 35.92 14.04
N GLN B 284 9.60 34.63 13.77
CA GLN B 284 10.76 33.81 13.44
C GLN B 284 10.61 33.24 12.04
N THR B 285 11.66 33.35 11.23
CA THR B 285 11.66 32.73 9.92
C THR B 285 11.69 31.21 10.05
N SER B 286 11.21 30.55 8.99
CA SER B 286 11.23 29.10 8.90
C SER B 286 11.54 28.75 7.45
N PRO B 287 12.49 27.85 7.20
CA PRO B 287 12.70 27.42 5.81
C PRO B 287 11.47 26.83 5.16
N ALA B 288 10.66 26.08 5.93
CA ALA B 288 9.54 25.33 5.37
C ALA B 288 8.29 25.56 6.21
N MET B 289 7.16 25.27 5.58
CA MET B 289 5.84 25.43 6.19
C MET B 289 5.28 24.07 6.60
N ALA B 290 4.67 24.03 7.78
CA ALA B 290 4.14 22.78 8.32
C ALA B 290 3.01 22.24 7.43
N GLY B 291 1.91 22.98 7.34
CA GLY B 291 0.78 22.53 6.56
C GLY B 291 0.26 23.58 5.60
N GLY B 292 -0.94 24.09 5.86
CA GLY B 292 -1.52 25.12 5.02
C GLY B 292 -2.20 26.25 5.77
N LEU B 293 -1.81 26.46 7.03
CA LEU B 293 -2.37 27.52 7.85
C LEU B 293 -1.43 28.71 7.80
N PHE B 294 -1.81 29.72 7.00
CA PHE B 294 -0.96 30.90 6.84
C PHE B 294 -1.78 32.03 6.28
N ALA B 295 -1.25 33.25 6.43
CA ALA B 295 -1.81 34.45 5.84
C ALA B 295 -0.80 35.05 4.88
N ALA B 296 -1.30 35.74 3.86
CA ALA B 296 -0.42 36.32 2.86
C ALA B 296 -1.14 37.45 2.14
N ASN B 297 -0.36 38.43 1.69
CA ASN B 297 -0.88 39.46 0.80
C ASN B 297 -1.29 38.81 -0.52
N LYS B 298 -2.56 39.01 -0.91
CA LYS B 298 -3.08 38.30 -2.08
C LYS B 298 -2.28 38.64 -3.33
N ALA B 299 -2.00 39.93 -3.56
CA ALA B 299 -1.27 40.32 -4.76
C ALA B 299 0.10 39.64 -4.80
N PHE B 300 0.86 39.72 -3.71
CA PHE B 300 2.17 39.10 -3.68
C PHE B 300 2.06 37.59 -3.84
N PHE B 301 1.02 36.99 -3.27
CA PHE B 301 0.84 35.54 -3.37
C PHE B 301 0.75 35.10 -4.83
N PHE B 302 0.06 35.86 -5.67
CA PHE B 302 -0.04 35.50 -7.09
C PHE B 302 1.25 35.83 -7.83
N ASP B 303 1.89 36.95 -7.48
CA ASP B 303 3.15 37.31 -8.14
C ASP B 303 4.27 36.33 -7.83
N VAL B 304 4.19 35.63 -6.70
CA VAL B 304 5.23 34.68 -6.31
C VAL B 304 4.89 33.26 -6.75
N GLY B 305 3.84 33.10 -7.57
CA GLY B 305 3.51 31.81 -8.15
C GLY B 305 2.33 31.10 -7.54
N ALA B 306 1.68 31.69 -6.53
CA ALA B 306 0.51 31.08 -5.90
C ALA B 306 0.79 29.62 -5.57
N TYR B 307 -0.04 28.70 -6.07
CA TYR B 307 0.22 27.27 -5.99
C TYR B 307 0.46 26.72 -7.40
N ASP B 308 1.13 25.58 -7.45
CA ASP B 308 1.28 24.83 -8.70
C ASP B 308 0.00 24.02 -8.89
N GLU B 309 -0.88 24.52 -9.75
CA GLU B 309 -2.23 23.95 -9.85
C GLU B 309 -2.25 22.58 -10.51
N ASP B 310 -1.13 22.08 -11.00
CA ASP B 310 -1.05 20.71 -11.47
C ASP B 310 -0.68 19.74 -10.35
N PHE B 311 -0.50 20.23 -9.13
CA PHE B 311 -0.43 19.36 -7.97
C PHE B 311 -1.76 18.67 -7.77
N GLN B 312 -1.71 17.42 -7.32
CA GLN B 312 -2.88 16.55 -7.28
C GLN B 312 -3.28 16.29 -5.84
N PHE B 313 -4.51 16.64 -5.50
CA PHE B 313 -5.13 16.32 -4.22
C PHE B 313 -4.34 16.81 -3.01
N TRP B 314 -3.44 15.98 -2.48
N TRP B 314 -3.47 15.98 -2.44
CA TRP B 314 -2.78 16.25 -1.20
CA TRP B 314 -2.76 16.37 -1.24
C TRP B 314 -1.33 15.82 -1.24
C TRP B 314 -1.34 15.85 -1.24
N GLY B 315 -0.47 16.59 -0.56
CA GLY B 315 0.91 16.21 -0.36
C GLY B 315 1.93 17.10 -1.03
N THR B 316 2.89 17.60 -0.26
CA THR B 316 4.13 18.24 -0.66
C THR B 316 3.92 19.67 -1.17
N GLU B 317 2.68 20.12 -1.40
CA GLU B 317 2.46 21.49 -1.85
C GLU B 317 3.02 22.49 -0.85
N ASN B 318 3.09 22.12 0.43
CA ASN B 318 3.65 23.04 1.43
C ASN B 318 5.13 23.25 1.21
N LEU B 319 5.85 22.20 0.81
CA LEU B 319 7.29 22.33 0.57
C LEU B 319 7.57 23.05 -0.75
N GLU B 320 6.82 22.72 -1.80
CA GLU B 320 6.97 23.43 -3.07
C GLU B 320 6.75 24.93 -2.89
N LEU B 321 5.71 25.31 -2.15
CA LEU B 321 5.50 26.73 -1.86
C LEU B 321 6.65 27.30 -1.05
N SER B 322 7.15 26.54 -0.06
CA SER B 322 8.24 27.03 0.77
C SER B 322 9.49 27.31 -0.06
N PHE B 323 9.90 26.34 -0.87
CA PHE B 323 11.08 26.53 -1.71
C PHE B 323 10.90 27.71 -2.65
N ARG B 324 9.77 27.75 -3.36
CA ARG B 324 9.54 28.83 -4.32
C ARG B 324 9.46 30.19 -3.64
N LEU B 325 8.76 30.27 -2.50
CA LEU B 325 8.62 31.54 -1.82
C LEU B 325 9.98 32.14 -1.49
N TRP B 326 10.84 31.37 -0.83
CA TRP B 326 12.14 31.89 -0.44
C TRP B 326 12.99 32.25 -1.65
N GLN B 327 12.97 31.40 -2.67
CA GLN B 327 13.85 31.61 -3.82
C GLN B 327 13.38 32.78 -4.69
N CYS B 328 12.09 33.10 -4.66
CA CYS B 328 11.53 34.09 -5.58
C CYS B 328 11.11 35.38 -4.87
N GLY B 329 11.79 35.72 -3.78
CA GLY B 329 11.64 37.03 -3.17
C GLY B 329 10.67 37.12 -2.01
N GLY B 330 10.30 36.00 -1.39
CA GLY B 330 9.40 36.01 -0.25
C GLY B 330 10.10 35.66 1.05
N VAL B 331 9.32 35.75 2.13
CA VAL B 331 9.80 35.43 3.47
C VAL B 331 8.73 34.63 4.19
N LEU B 332 9.10 33.49 4.75
CA LEU B 332 8.20 32.64 5.53
C LEU B 332 8.51 32.86 7.00
N GLU B 333 7.51 33.31 7.76
CA GLU B 333 7.67 33.61 9.17
C GLU B 333 6.58 32.92 9.97
N CYS B 334 6.87 32.73 11.26
CA CYS B 334 5.98 32.09 12.21
C CYS B 334 5.67 33.07 13.33
N ALA B 335 4.39 33.19 13.67
CA ALA B 335 3.93 34.16 14.68
C ALA B 335 3.53 33.43 15.96
N PRO B 336 4.36 33.43 16.99
CA PRO B 336 3.97 32.73 18.23
C PRO B 336 2.80 33.37 18.96
N CYS B 337 2.48 34.63 18.69
CA CYS B 337 1.34 35.27 19.31
C CYS B 337 0.04 35.02 18.55
N SER B 338 0.11 34.34 17.40
CA SER B 338 -1.07 33.93 16.65
C SER B 338 -1.18 32.42 16.76
N ARG B 339 -2.17 31.94 17.53
CA ARG B 339 -2.30 30.53 17.84
C ARG B 339 -3.65 30.01 17.35
N VAL B 340 -3.64 28.78 16.84
CA VAL B 340 -4.85 28.10 16.39
C VAL B 340 -4.77 26.65 16.83
N TYR B 341 -5.81 26.16 17.49
CA TYR B 341 -5.92 24.75 17.81
C TYR B 341 -6.34 23.95 16.58
N HIS B 342 -5.85 22.72 16.51
CA HIS B 342 -6.09 21.84 15.36
C HIS B 342 -6.30 20.42 15.86
N ILE B 343 -7.34 19.76 15.35
CA ILE B 343 -7.62 18.39 15.72
C ILE B 343 -6.72 17.49 14.87
N PHE B 344 -5.80 16.79 15.53
CA PHE B 344 -4.97 15.80 14.86
C PHE B 344 -5.65 14.45 14.94
N ARG B 345 -5.83 13.82 13.79
CA ARG B 345 -6.60 12.60 13.65
C ARG B 345 -5.81 11.40 14.18
N LYS B 346 -6.55 10.33 14.52
CA LYS B 346 -5.99 9.08 15.00
C LYS B 346 -6.56 7.88 14.23
N GLY B 347 -7.88 7.74 14.21
CA GLY B 347 -8.53 6.62 13.55
C GLY B 347 -8.38 6.60 12.04
N GLY B 348 -7.89 7.67 11.45
CA GLY B 348 -7.70 7.74 10.01
C GLY B 348 -8.90 8.33 9.29
N SER B 349 -8.61 8.99 8.17
CA SER B 349 -9.60 9.65 7.30
C SER B 349 -9.85 11.09 7.78
N PRO B 354 -5.67 9.36 -3.27
CA PRO B 354 -5.79 9.12 -4.71
C PRO B 354 -4.57 8.38 -5.24
N GLY B 355 -4.63 8.03 -6.52
CA GLY B 355 -3.58 7.21 -7.10
C GLY B 355 -2.42 7.97 -7.69
N ASP B 356 -1.20 7.69 -7.23
CA ASP B 356 0.03 8.24 -7.79
C ASP B 356 0.20 9.71 -7.48
N SER B 357 -0.72 10.33 -6.75
CA SER B 357 -0.68 11.77 -6.53
C SER B 357 0.49 12.18 -5.63
N ILE B 358 0.79 11.40 -4.59
CA ILE B 358 1.84 11.78 -3.66
C ILE B 358 3.21 11.77 -4.36
N THR B 359 3.46 10.76 -5.18
CA THR B 359 4.74 10.68 -5.87
C THR B 359 4.88 11.78 -6.91
N ILE B 360 3.81 12.08 -7.65
CA ILE B 360 3.86 13.12 -8.66
C ILE B 360 4.24 14.46 -8.02
N ASN B 361 3.57 14.81 -6.91
CA ASN B 361 3.84 16.09 -6.26
C ASN B 361 5.30 16.20 -5.82
N LYS B 362 5.89 15.08 -5.39
CA LYS B 362 7.30 15.11 -5.00
C LYS B 362 8.20 15.38 -6.19
N MET B 363 7.92 14.72 -7.33
CA MET B 363 8.71 14.97 -8.53
C MET B 363 8.62 16.43 -8.95
N ARG B 364 7.40 16.99 -8.95
CA ARG B 364 7.24 18.38 -9.33
C ARG B 364 7.97 19.32 -8.38
N THR B 365 8.01 18.98 -7.09
CA THR B 365 8.74 19.80 -6.14
C THR B 365 10.24 19.75 -6.39
N MET B 366 10.74 18.64 -6.94
CA MET B 366 12.16 18.53 -7.21
C MET B 366 12.64 19.53 -8.25
N LEU B 367 11.71 20.13 -9.00
CA LEU B 367 12.09 21.19 -9.93
C LEU B 367 12.83 22.31 -9.22
N TRP B 368 12.40 22.65 -8.00
CA TRP B 368 12.96 23.75 -7.24
C TRP B 368 14.18 23.35 -6.43
N MET B 369 14.64 22.11 -6.56
CA MET B 369 15.78 21.62 -5.80
C MET B 369 17.06 21.54 -6.63
N ASP B 370 16.99 21.78 -7.94
CA ASP B 370 18.17 21.86 -8.82
C ASP B 370 18.94 20.55 -8.68
N GLU B 371 20.26 20.58 -8.52
CA GLU B 371 21.04 19.34 -8.48
C GLU B 371 20.69 18.49 -7.27
N TYR B 372 20.22 19.11 -6.19
CA TYR B 372 19.85 18.35 -5.00
C TYR B 372 18.72 17.37 -5.27
N ALA B 373 17.99 17.54 -6.37
CA ALA B 373 16.91 16.61 -6.69
C ALA B 373 17.44 15.19 -6.90
N ASP B 374 18.69 15.04 -7.32
CA ASP B 374 19.27 13.72 -7.48
C ASP B 374 19.22 12.94 -6.17
N LEU B 375 19.58 13.59 -5.06
CA LEU B 375 19.53 12.92 -3.77
C LEU B 375 18.08 12.58 -3.38
N ALA B 376 17.19 13.56 -3.46
CA ALA B 376 15.79 13.31 -3.13
C ALA B 376 15.20 12.21 -4.01
N TRP B 377 15.52 12.23 -5.31
CA TRP B 377 14.98 11.22 -6.20
C TRP B 377 15.36 9.81 -5.74
N ARG B 378 16.63 9.61 -5.39
CA ARG B 378 17.07 8.30 -4.94
C ARG B 378 16.45 7.93 -3.61
N VAL B 379 16.25 8.91 -2.73
CA VAL B 379 15.73 8.61 -1.39
C VAL B 379 14.30 8.09 -1.46
N ILE B 380 13.48 8.64 -2.36
CA ILE B 380 12.08 8.23 -2.43
C ILE B 380 11.91 7.07 -3.40
N GLY B 381 13.02 6.49 -3.85
CA GLY B 381 13.00 5.26 -4.60
C GLY B 381 13.04 5.39 -6.10
N LYS B 382 13.61 6.47 -6.64
CA LYS B 382 13.74 6.67 -8.08
C LYS B 382 12.45 6.39 -8.83
N PRO B 383 11.33 6.99 -8.43
CA PRO B 383 10.05 6.69 -9.08
C PRO B 383 10.05 7.12 -10.54
N ARG B 384 9.30 6.36 -11.35
CA ARG B 384 9.15 6.61 -12.78
C ARG B 384 7.65 6.78 -13.05
N VAL B 385 7.14 7.99 -12.82
CA VAL B 385 5.70 8.24 -12.91
C VAL B 385 5.42 9.34 -13.92
N ASN B 386 4.15 9.67 -14.11
CA ASN B 386 3.73 10.72 -15.03
C ASN B 386 3.49 12.00 -14.23
N TYR B 387 4.56 12.76 -14.02
CA TYR B 387 4.53 14.01 -13.28
C TYR B 387 4.11 15.21 -14.15
N ARG B 388 3.47 14.98 -15.30
CA ARG B 388 3.07 16.07 -16.20
C ARG B 388 4.30 16.87 -16.59
N PRO B 389 5.24 16.28 -17.34
CA PRO B 389 6.48 17.01 -17.67
C PRO B 389 6.21 18.27 -18.48
N GLU B 390 5.33 18.20 -19.46
CA GLU B 390 5.06 19.35 -20.31
C GLU B 390 4.58 20.54 -19.49
N SER B 391 3.76 20.29 -18.46
CA SER B 391 3.32 21.37 -17.60
C SER B 391 4.43 21.82 -16.67
N LEU B 392 5.26 20.90 -16.19
CA LEU B 392 6.37 21.26 -15.33
C LEU B 392 7.38 22.13 -16.07
N GLU B 393 7.47 21.97 -17.39
CA GLU B 393 8.40 22.77 -18.18
C GLU B 393 7.95 24.23 -18.28
N LYS B 394 6.64 24.47 -18.31
CA LYS B 394 6.16 25.85 -18.23
C LYS B 394 6.47 26.44 -16.86
N ARG B 395 6.37 25.62 -15.79
CA ARG B 395 6.75 26.09 -14.47
C ARG B 395 8.24 26.42 -14.41
N ARG B 396 9.06 25.67 -15.15
CA ARG B 396 10.48 26.01 -15.22
C ARG B 396 10.70 27.34 -15.92
N GLU B 397 9.95 27.59 -17.00
CA GLU B 397 10.06 28.88 -17.67
C GLU B 397 9.64 30.02 -16.74
N TRP B 398 8.56 29.83 -15.99
CA TRP B 398 8.14 30.85 -15.02
C TRP B 398 9.26 31.12 -14.03
N ARG B 399 9.88 30.06 -13.50
CA ARG B 399 10.96 30.25 -12.55
C ARG B 399 12.09 31.07 -13.14
N LYS B 400 12.43 30.82 -14.41
CA LYS B 400 13.49 31.58 -15.07
C LYS B 400 13.12 33.05 -15.19
N ARG B 401 11.93 33.34 -15.73
CA ARG B 401 11.51 34.72 -15.90
C ARG B 401 11.50 35.47 -14.58
N LYS B 402 10.94 34.87 -13.53
CA LYS B 402 10.91 35.55 -12.24
C LYS B 402 12.31 35.81 -11.69
N GLY B 403 13.31 35.07 -12.16
CA GLY B 403 14.66 35.25 -11.66
C GLY B 403 14.89 34.64 -10.31
N CYS B 404 14.21 33.54 -9.99
CA CYS B 404 14.33 32.92 -8.68
C CYS B 404 15.75 32.42 -8.45
N LYS B 405 16.17 32.45 -7.19
CA LYS B 405 17.50 31.98 -6.83
C LYS B 405 17.53 30.46 -6.79
N SER B 406 18.73 29.93 -6.63
CA SER B 406 18.94 28.49 -6.71
C SER B 406 18.66 27.81 -5.37
N PHE B 407 18.55 26.49 -5.40
CA PHE B 407 18.39 25.73 -4.17
C PHE B 407 19.69 25.73 -3.36
N ARG B 408 20.84 25.84 -4.03
CA ARG B 408 22.08 26.02 -3.30
C ARG B 408 22.04 27.29 -2.47
N TRP B 409 21.56 28.39 -3.06
CA TRP B 409 21.32 29.59 -2.28
C TRP B 409 20.38 29.32 -1.11
N PHE B 410 19.30 28.57 -1.37
CA PHE B 410 18.34 28.25 -0.32
C PHE B 410 19.02 27.53 0.84
N MET B 411 19.78 26.48 0.54
CA MET B 411 20.43 25.72 1.60
C MET B 411 21.44 26.58 2.36
N GLU B 412 22.17 27.44 1.65
CA GLU B 412 23.23 28.21 2.28
C GLU B 412 22.73 29.42 3.05
N ASN B 413 21.57 29.96 2.68
CA ASN B 413 21.05 31.18 3.29
C ASN B 413 19.79 30.97 4.12
N VAL B 414 18.90 30.07 3.72
CA VAL B 414 17.66 29.85 4.44
C VAL B 414 17.77 28.67 5.40
N PHE B 415 18.36 27.56 4.97
CA PHE B 415 18.48 26.36 5.79
C PHE B 415 19.93 25.91 5.92
N PRO B 416 20.84 26.83 6.28
CA PRO B 416 22.25 26.42 6.46
C PRO B 416 22.47 25.53 7.66
N GLU B 417 21.48 25.36 8.52
CA GLU B 417 21.59 24.46 9.66
C GLU B 417 21.31 23.01 9.29
N GLY B 418 21.04 22.72 8.01
CA GLY B 418 20.75 21.35 7.61
C GLY B 418 21.98 20.47 7.59
N ASP B 419 21.74 19.17 7.74
CA ASP B 419 22.84 18.20 7.72
C ASP B 419 23.46 18.08 6.33
N VAL B 420 22.73 18.49 5.29
CA VAL B 420 23.22 18.41 3.91
C VAL B 420 23.00 19.79 3.28
N VAL B 421 24.05 20.62 3.30
CA VAL B 421 23.99 21.94 2.68
C VAL B 421 24.43 21.90 1.23
N THR B 422 25.50 21.16 0.95
CA THR B 422 25.90 20.83 -0.42
C THR B 422 25.97 19.32 -0.55
N LEU B 423 25.90 18.84 -1.78
CA LEU B 423 25.95 17.40 -2.01
C LEU B 423 27.30 16.80 -1.62
N ASP B 424 28.34 17.62 -1.49
CA ASP B 424 29.59 17.14 -0.92
C ASP B 424 29.40 16.65 0.51
N ASP B 425 28.33 17.08 1.19
CA ASP B 425 28.02 16.59 2.52
C ASP B 425 27.50 15.15 2.51
N VAL B 426 27.30 14.58 1.32
CA VAL B 426 26.93 13.17 1.18
C VAL B 426 28.03 12.48 0.38
N PRO B 427 29.16 12.12 1.00
CA PRO B 427 30.29 11.60 0.21
C PRO B 427 30.08 10.19 -0.29
N TYR B 428 29.23 9.39 0.36
CA TYR B 428 29.03 8.00 -0.04
C TYR B 428 27.54 7.72 -0.20
N LEU B 429 27.22 6.97 -1.27
CA LEU B 429 25.84 6.54 -1.51
C LEU B 429 25.92 5.29 -2.38
N GLY B 430 25.56 4.15 -1.80
CA GLY B 430 25.63 2.88 -2.49
C GLY B 430 25.79 1.72 -1.54
N PRO B 431 26.12 0.55 -2.07
CA PRO B 431 26.22 -0.63 -1.21
C PRO B 431 27.41 -0.55 -0.27
N LEU B 432 27.22 -1.08 0.93
CA LEU B 432 28.31 -1.29 1.89
C LEU B 432 28.66 -2.77 1.83
N ARG B 433 29.73 -3.09 1.10
CA ARG B 433 30.07 -4.46 0.75
C ARG B 433 31.34 -4.87 1.47
N ASN B 434 31.33 -6.06 2.07
CA ASN B 434 32.51 -6.69 2.64
C ASN B 434 33.03 -7.71 1.63
N ASP B 435 34.22 -7.46 1.07
CA ASP B 435 34.76 -8.37 0.07
C ASP B 435 35.13 -9.72 0.66
N LYS B 436 35.53 -9.77 1.93
CA LYS B 436 35.98 -11.02 2.51
C LYS B 436 34.89 -12.08 2.46
N ILE B 437 33.70 -11.75 2.95
CA ILE B 437 32.59 -12.70 2.93
C ILE B 437 31.73 -12.58 1.69
N GLY B 438 32.05 -11.64 0.80
CA GLY B 438 31.29 -11.48 -0.43
C GLY B 438 29.82 -11.17 -0.22
N MET B 439 29.52 -10.28 0.71
CA MET B 439 28.14 -9.87 0.98
C MET B 439 28.11 -8.38 1.26
N CYS B 440 26.88 -7.85 1.30
N CYS B 440 26.91 -7.81 1.27
CA CYS B 440 26.58 -6.44 1.46
CA CYS B 440 26.77 -6.41 1.60
C CYS B 440 25.68 -6.25 2.69
C CYS B 440 25.71 -6.23 2.68
N LEU B 441 25.69 -5.03 3.24
CA LEU B 441 24.73 -4.70 4.27
C LEU B 441 23.32 -4.64 3.69
N ASP B 442 22.34 -5.06 4.49
CA ASP B 442 20.97 -5.17 4.04
C ASP B 442 20.06 -4.72 5.17
N ASN B 443 19.23 -3.71 4.92
CA ASN B 443 18.28 -3.28 5.93
C ASN B 443 17.18 -4.32 6.19
N MET B 444 17.19 -5.43 5.43
CA MET B 444 16.28 -6.55 5.65
C MET B 444 14.83 -6.15 5.41
N GLY B 445 14.61 -5.23 4.48
CA GLY B 445 13.29 -4.78 4.08
C GLY B 445 12.61 -3.84 5.04
N TRP B 446 13.29 -3.44 6.11
CA TRP B 446 12.75 -2.50 7.10
C TRP B 446 13.67 -1.28 7.22
N ALA B 447 13.42 -0.29 6.37
CA ALA B 447 14.14 0.98 6.48
C ALA B 447 13.63 1.79 7.66
N SER B 448 12.57 1.32 8.33
CA SER B 448 12.10 1.97 9.54
C SER B 448 13.07 1.70 10.69
N PRO B 449 13.19 2.64 11.62
CA PRO B 449 14.04 2.40 12.79
C PRO B 449 13.52 1.25 13.65
N GLY B 450 14.45 0.57 14.31
CA GLY B 450 14.11 -0.41 15.33
C GLY B 450 14.49 -1.84 15.01
N HIS B 451 14.98 -2.15 13.82
CA HIS B 451 15.24 -3.53 13.42
C HIS B 451 16.72 -3.76 13.16
N ALA B 452 17.08 -5.04 13.13
CA ALA B 452 18.47 -5.42 12.92
C ALA B 452 18.84 -5.34 11.44
N VAL B 453 20.10 -4.98 11.19
CA VAL B 453 20.66 -4.96 9.85
C VAL B 453 21.29 -6.31 9.56
N GLY B 454 21.16 -6.78 8.33
CA GLY B 454 21.62 -8.08 7.94
C GLY B 454 22.76 -8.04 6.93
N LEU B 455 23.35 -9.22 6.71
CA LEU B 455 24.36 -9.45 5.69
C LEU B 455 23.78 -10.43 4.67
N GLU B 456 23.72 -10.01 3.42
CA GLU B 456 23.10 -10.81 2.37
C GLU B 456 23.92 -10.65 1.09
N TYR B 457 23.65 -11.53 0.12
CA TYR B 457 24.36 -11.43 -1.15
C TYR B 457 23.91 -10.18 -1.90
N CYS B 458 24.87 -9.51 -2.51
CA CYS B 458 24.60 -8.22 -3.14
C CYS B 458 23.76 -8.41 -4.39
N HIS B 459 22.72 -7.59 -4.54
CA HIS B 459 21.87 -7.62 -5.72
C HIS B 459 21.62 -6.24 -6.32
N GLY B 460 22.10 -5.17 -5.69
CA GLY B 460 22.05 -3.85 -6.28
C GLY B 460 20.75 -3.09 -6.06
N GLY B 461 19.83 -3.64 -5.26
CA GLY B 461 18.57 -2.97 -5.02
C GLY B 461 18.66 -1.92 -3.93
N ASP B 462 17.60 -1.11 -3.84
CA ASP B 462 17.59 -0.02 -2.88
C ASP B 462 17.75 -0.51 -1.45
N THR B 463 17.32 -1.75 -1.16
CA THR B 463 17.39 -2.29 0.19
C THR B 463 18.84 -2.45 0.67
N GLN B 464 19.81 -2.37 -0.23
CA GLN B 464 21.21 -2.61 0.11
C GLN B 464 22.10 -1.40 -0.15
N THR B 465 21.52 -0.24 -0.41
N THR B 465 21.53 -0.22 -0.41
CA THR B 465 22.25 1.01 -0.60
CA THR B 465 22.33 0.98 -0.61
C THR B 465 22.15 1.85 0.67
C THR B 465 22.15 1.91 0.59
N PHE B 466 23.27 2.42 1.09
CA PHE B 466 23.31 3.29 2.26
C PHE B 466 24.04 4.57 1.87
N MET B 467 23.79 5.63 2.65
CA MET B 467 24.40 6.92 2.40
C MET B 467 24.98 7.45 3.70
N PHE B 468 25.90 8.40 3.55
CA PHE B 468 26.66 8.96 4.67
C PHE B 468 26.44 10.47 4.71
N PHE B 469 25.96 10.96 5.84
CA PHE B 469 25.88 12.40 6.11
C PHE B 469 27.06 12.74 7.01
N ARG B 470 28.08 13.37 6.43
CA ARG B 470 29.33 13.58 7.16
C ARG B 470 29.17 14.57 8.32
N LYS B 471 28.26 15.54 8.18
CA LYS B 471 28.10 16.54 9.24
C LYS B 471 27.69 15.91 10.56
N VAL B 472 27.06 14.74 10.53
CA VAL B 472 26.62 14.05 11.74
C VAL B 472 27.19 12.65 11.86
N GLY B 473 27.98 12.20 10.90
CA GLY B 473 28.50 10.84 10.93
C GLY B 473 27.42 9.79 10.88
N HIS B 474 26.33 10.04 10.17
CA HIS B 474 25.20 9.13 10.11
C HIS B 474 25.33 8.15 8.96
N VAL B 475 25.05 6.88 9.24
CA VAL B 475 24.93 5.84 8.23
C VAL B 475 23.46 5.46 8.16
N MET B 476 22.83 5.70 7.01
CA MET B 476 21.40 5.53 6.87
C MET B 476 21.06 4.76 5.60
N PRO B 477 19.98 4.00 5.61
CA PRO B 477 19.43 3.49 4.35
C PRO B 477 18.99 4.67 3.49
N VAL B 478 19.20 4.54 2.18
N VAL B 478 19.23 4.56 2.18
CA VAL B 478 18.90 5.65 1.28
CA VAL B 478 18.89 5.64 1.27
C VAL B 478 17.42 6.00 1.31
C VAL B 478 17.41 6.02 1.41
N ASN B 479 16.56 5.02 1.58
CA ASN B 479 15.11 5.24 1.59
C ASN B 479 14.59 5.80 2.90
N ASP B 480 15.45 6.17 3.85
CA ASP B 480 14.97 6.74 5.11
C ASP B 480 16.16 7.41 5.81
N ASP B 481 16.25 8.72 5.68
CA ASP B 481 17.27 9.49 6.37
C ASP B 481 16.92 9.76 7.84
N GLU B 482 15.87 9.10 8.35
CA GLU B 482 15.57 9.12 9.78
C GLU B 482 16.05 7.87 10.51
N ALA B 483 16.45 6.83 9.78
CA ALA B 483 16.97 5.60 10.36
C ALA B 483 18.48 5.60 10.28
N CYS B 484 19.14 5.31 11.41
CA CYS B 484 20.58 5.37 11.51
C CYS B 484 21.15 4.07 12.04
N LEU B 485 22.28 3.65 11.47
CA LEU B 485 22.96 2.46 11.94
C LEU B 485 23.62 2.72 13.29
N GLN B 486 23.54 1.75 14.18
CA GLN B 486 24.16 1.83 15.49
C GLN B 486 25.11 0.66 15.70
N PRO B 487 26.10 0.81 16.58
CA PRO B 487 27.06 -0.29 16.82
C PRO B 487 26.40 -1.60 17.20
N SER B 488 25.13 -1.58 17.61
CA SER B 488 24.42 -2.82 17.92
C SER B 488 24.18 -3.67 16.68
N GLY B 489 24.51 -3.17 15.49
CA GLY B 489 24.19 -3.89 14.27
C GLY B 489 22.73 -3.76 13.91
N ARG B 490 22.12 -2.63 14.22
CA ARG B 490 20.67 -2.49 14.18
C ARG B 490 20.31 -1.02 13.99
N LEU B 491 19.20 -0.77 13.31
CA LEU B 491 18.77 0.58 12.97
C LEU B 491 17.92 1.21 14.07
N ASP B 492 18.03 2.53 14.20
CA ASP B 492 17.25 3.28 15.17
C ASP B 492 17.11 4.72 14.67
N TRP B 493 16.20 5.46 15.31
CA TRP B 493 15.92 6.84 14.89
C TRP B 493 17.16 7.71 14.97
N CYS B 494 17.46 8.41 13.89
CA CYS B 494 18.65 9.26 13.84
C CYS B 494 18.53 10.40 14.85
N ARG B 495 19.62 10.65 15.57
CA ARG B 495 19.74 11.80 16.45
C ARG B 495 21.14 12.37 16.27
N GLY B 496 21.23 13.70 16.25
CA GLY B 496 22.51 14.34 16.06
C GLY B 496 23.41 14.28 17.28
N THR B 497 23.75 13.07 17.72
CA THR B 497 24.54 12.84 18.91
C THR B 497 25.66 11.85 18.62
N ALA B 498 26.50 11.61 19.62
CA ALA B 498 27.60 10.67 19.47
C ALA B 498 27.13 9.22 19.39
N GLN B 499 25.88 8.95 19.79
CA GLN B 499 25.38 7.59 19.73
C GLN B 499 25.21 7.09 18.30
N PHE B 500 25.25 7.99 17.31
CA PHE B 500 25.03 7.62 15.92
C PHE B 500 26.17 8.11 15.01
N TRP B 501 27.30 8.53 15.59
CA TRP B 501 28.38 9.11 14.80
C TRP B 501 29.32 8.00 14.33
N TRP B 502 29.47 7.87 13.02
CA TRP B 502 30.40 6.93 12.40
C TRP B 502 31.42 7.69 11.57
N ASP B 503 32.64 7.16 11.55
CA ASP B 503 33.68 7.61 10.63
C ASP B 503 33.98 6.48 9.65
N PHE B 504 34.18 6.84 8.39
CA PHE B 504 34.57 5.88 7.35
C PHE B 504 36.05 6.11 7.06
N THR B 505 36.90 5.24 7.58
CA THR B 505 38.33 5.45 7.53
C THR B 505 38.84 5.40 6.09
N SER B 506 40.09 5.84 5.92
CA SER B 506 40.72 5.80 4.60
C SER B 506 41.00 4.38 4.14
N SER B 507 40.98 3.41 5.06
CA SER B 507 41.19 2.01 4.72
C SER B 507 39.89 1.24 4.57
N GLY B 508 38.75 1.91 4.68
CA GLY B 508 37.47 1.28 4.45
C GLY B 508 36.77 0.76 5.70
N GLN B 509 37.14 1.25 6.88
CA GLN B 509 36.55 0.77 8.12
C GLN B 509 35.40 1.67 8.55
N LEU B 510 34.37 1.05 9.13
CA LEU B 510 33.28 1.77 9.78
C LEU B 510 33.61 1.83 11.27
N MET B 511 34.13 2.99 11.70
CA MET B 511 34.59 3.17 13.07
C MET B 511 33.56 3.98 13.84
N PHE B 512 33.01 3.40 14.90
CA PHE B 512 32.13 4.15 15.80
C PHE B 512 32.98 5.10 16.63
N ARG B 513 32.81 6.40 16.41
CA ARG B 513 33.74 7.37 16.98
C ARG B 513 33.78 7.29 18.50
N GLU B 514 32.62 7.11 19.14
CA GLU B 514 32.57 7.24 20.60
C GLU B 514 33.39 6.15 21.28
N THR B 515 33.32 4.91 20.78
CA THR B 515 34.06 3.80 21.35
C THR B 515 35.35 3.50 20.61
N LYS B 516 35.62 4.20 19.50
CA LYS B 516 36.82 3.97 18.69
C LYS B 516 36.95 2.51 18.23
N GLN B 517 35.83 1.80 18.15
CA GLN B 517 35.79 0.44 17.64
C GLN B 517 35.31 0.43 16.18
N CYS B 518 35.43 -0.73 15.55
CA CYS B 518 35.13 -0.90 14.13
C CYS B 518 34.16 -2.06 13.94
N LEU B 519 33.32 -1.95 12.90
CA LEU B 519 32.28 -2.94 12.62
C LEU B 519 32.86 -4.05 11.74
N SER B 520 32.59 -5.30 12.12
CA SER B 520 33.09 -6.47 11.41
C SER B 520 31.93 -7.32 10.92
N ALA B 521 32.16 -7.99 9.78
CA ALA B 521 31.21 -8.94 9.21
C ALA B 521 31.61 -10.38 9.50
N PHE B 522 32.54 -10.60 10.43
CA PHE B 522 33.05 -11.94 10.69
C PHE B 522 31.91 -12.90 11.02
N GLY B 523 31.92 -14.06 10.36
CA GLY B 523 30.92 -15.07 10.62
C GLY B 523 29.53 -14.68 10.15
N ARG B 524 29.42 -13.84 9.13
CA ARG B 524 28.13 -13.34 8.66
C ARG B 524 27.32 -12.72 9.79
N LYS B 525 28.02 -12.15 10.77
CA LYS B 525 27.40 -11.49 11.90
C LYS B 525 28.01 -10.11 12.05
N LEU B 526 27.21 -9.16 12.54
CA LEU B 526 27.64 -7.78 12.71
C LEU B 526 28.04 -7.58 14.17
N ARG B 527 29.34 -7.45 14.42
CA ARG B 527 29.84 -7.25 15.77
C ARG B 527 30.92 -6.18 15.73
N MET B 528 31.08 -5.47 16.85
CA MET B 528 32.09 -4.44 16.98
C MET B 528 33.37 -5.07 17.51
N VAL B 529 34.50 -4.73 16.88
CA VAL B 529 35.79 -5.30 17.23
C VAL B 529 36.85 -4.21 17.23
N GLU B 530 37.97 -4.50 17.88
CA GLU B 530 39.10 -3.57 17.87
C GLU B 530 39.52 -3.29 16.43
N CYS B 531 39.83 -2.03 16.16
CA CYS B 531 40.13 -1.62 14.80
C CYS B 531 41.49 -2.12 14.36
N ASP B 532 41.54 -2.68 13.15
CA ASP B 532 42.77 -3.24 12.60
C ASP B 532 42.57 -3.38 11.09
N ASP B 533 43.28 -2.55 10.32
CA ASP B 533 43.08 -2.53 8.87
C ASP B 533 43.67 -3.74 8.17
N THR B 534 44.29 -4.67 8.89
CA THR B 534 44.75 -5.93 8.31
C THR B 534 43.69 -7.02 8.42
N ASP B 535 42.61 -6.77 9.15
CA ASP B 535 41.51 -7.72 9.28
C ASP B 535 40.55 -7.50 8.13
N PRO B 536 40.49 -8.39 7.13
CA PRO B 536 39.61 -8.13 5.98
C PRO B 536 38.13 -8.15 6.34
N TYR B 537 37.75 -8.72 7.48
CA TYR B 537 36.35 -8.78 7.86
C TYR B 537 35.78 -7.44 8.32
N GLN B 538 36.64 -6.43 8.52
CA GLN B 538 36.18 -5.09 8.89
C GLN B 538 36.51 -4.06 7.83
N ILE B 539 36.86 -4.49 6.62
CA ILE B 539 37.12 -3.60 5.49
C ILE B 539 35.87 -3.57 4.62
N TRP B 540 35.32 -2.38 4.43
CA TRP B 540 34.12 -2.19 3.63
C TRP B 540 34.42 -1.30 2.44
N SER B 541 33.75 -1.57 1.33
CA SER B 541 33.74 -0.69 0.17
C SER B 541 32.41 0.05 0.14
N TRP B 542 32.46 1.33 -0.20
CA TRP B 542 31.27 2.19 -0.23
C TRP B 542 31.37 3.11 -1.43
N THR B 543 30.38 3.02 -2.33
CA THR B 543 30.42 3.80 -3.55
C THR B 543 30.44 5.29 -3.26
N ALA B 544 31.39 5.99 -3.86
CA ALA B 544 31.44 7.45 -3.73
C ALA B 544 30.23 8.06 -4.42
N TYR B 545 29.70 9.11 -3.81
CA TYR B 545 28.55 9.84 -4.35
C TYR B 545 29.06 11.08 -5.06
N ASN B 546 28.96 11.09 -6.39
CA ASN B 546 29.40 12.22 -7.22
C ASN B 546 28.29 12.54 -8.21
N PRO B 547 27.22 13.18 -7.75
CA PRO B 547 26.09 13.48 -8.64
C PRO B 547 26.44 14.56 -9.64
N PRO B 548 25.66 14.69 -10.72
CA PRO B 548 25.96 15.70 -11.73
C PRO B 548 25.69 17.11 -11.22
N ASP B 549 26.12 18.09 -12.02
CA ASP B 549 25.79 19.48 -11.72
C ASP B 549 24.33 19.81 -12.00
N THR B 550 23.64 18.97 -12.77
CA THR B 550 22.26 19.21 -13.14
C THR B 550 21.48 17.91 -13.03
N PHE B 551 20.29 17.97 -12.43
CA PHE B 551 19.40 16.82 -12.36
C PHE B 551 18.53 16.79 -13.60
N THR B 552 18.68 15.75 -14.41
CA THR B 552 17.85 15.52 -15.58
C THR B 552 16.67 14.64 -15.16
N PHE B 553 15.45 15.14 -15.36
CA PHE B 553 14.28 14.39 -14.94
C PHE B 553 14.18 13.08 -15.72
N PRO B 554 13.59 12.05 -15.11
CA PRO B 554 13.42 10.79 -15.82
C PRO B 554 12.33 10.90 -16.87
N SER B 555 12.51 10.17 -17.97
CA SER B 555 11.53 10.19 -19.04
C SER B 555 10.22 9.57 -18.58
N VAL B 556 9.12 10.08 -19.13
CA VAL B 556 7.79 9.53 -18.91
C VAL B 556 7.40 8.73 -20.15
N SER B 557 6.50 7.77 -19.98
CA SER B 557 6.08 6.89 -21.07
C SER B 557 4.68 7.27 -21.56
N ARG B 558 4.10 6.40 -22.39
CA ARG B 558 2.77 6.64 -22.94
C ARG B 558 1.76 5.70 -22.29
N GLY B 563 -9.26 4.23 -16.22
CA GLY B 563 -10.26 4.54 -15.20
C GLY B 563 -9.69 5.35 -14.06
N THR C 5 -5.67 -24.54 -7.43
CA THR C 5 -6.69 -25.57 -7.55
C THR C 5 -7.08 -25.83 -9.00
N VAL C 6 -6.83 -24.85 -9.86
CA VAL C 6 -7.17 -24.89 -11.28
C VAL C 6 -8.62 -24.44 -11.47
MN MN D . 1.65 -27.48 -6.34
MN MN E . -16.71 -17.90 -11.54
N1 UDP F . 5.88 -26.27 0.46
C2 UDP F . 6.94 -26.09 1.33
N3 UDP F . 6.59 -25.90 2.64
C4 UDP F . 5.31 -25.88 3.16
C5 UDP F . 4.27 -26.07 2.19
C6 UDP F . 4.58 -26.27 0.90
O2 UDP F . 8.11 -26.09 0.96
O4 UDP F . 5.14 -25.70 4.37
C1' UDP F . 6.19 -26.48 -0.97
C2' UDP F . 5.45 -27.67 -1.59
O2' UDP F . 6.17 -28.87 -1.41
C3' UDP F . 5.41 -27.25 -3.06
C4' UDP F . 5.27 -25.72 -2.99
O4' UDP F . 5.77 -25.34 -1.69
O3' UDP F . 6.59 -27.62 -3.75
C5' UDP F . 3.86 -25.21 -3.18
O5' UDP F . 2.93 -26.00 -2.41
PA UDP F . 1.74 -26.77 -3.11
O1A UDP F . 2.29 -27.44 -4.31
O2A UDP F . 0.99 -27.64 -2.11
O3A UDP F . 0.73 -25.62 -3.54
PB UDP F . -0.57 -25.90 -4.40
O1B UDP F . -1.44 -24.67 -4.13
O2B UDP F . -0.04 -25.86 -5.84
O3B UDP F . -1.23 -27.19 -4.03
HN3 UDP F . 7.23 -25.78 3.20
H5 UDP F . 3.37 -26.08 2.47
H6 UDP F . 3.89 -26.38 0.29
H1' UDP F . 7.14 -26.60 -1.07
H2' UDP F . 4.56 -27.73 -1.21
HO2' UDP F . 5.63 -29.53 -1.34
H3' UDP F . 4.62 -27.64 -3.49
H4' UDP F . 5.85 -25.34 -3.66
HO3' UDP F . 6.57 -28.45 -3.94
H5'1 UDP F . 3.63 -25.25 -4.12
H5'2 UDP F . 3.82 -24.28 -2.88
C1 GOL G . 5.79 -47.53 -2.54
O1 GOL G . 6.97 -46.96 -2.10
C2 GOL G . 4.98 -46.40 -3.22
O2 GOL G . 4.66 -46.70 -4.54
C3 GOL G . 3.72 -46.23 -2.34
O3 GOL G . 3.00 -45.16 -2.88
H11 GOL G . 5.26 -47.91 -1.83
H12 GOL G . 5.93 -48.25 -3.18
HO1 GOL G . 7.40 -47.58 -1.71
H2 GOL G . 5.49 -45.58 -3.26
HO2 GOL G . 3.91 -46.35 -4.72
H31 GOL G . 4.00 -46.07 -1.43
H32 GOL G . 3.23 -47.07 -2.32
HO3 GOL G . 2.31 -45.06 -2.40
C1 GOL H . 0.71 -39.19 -22.75
O1 GOL H . 0.58 -38.53 -21.54
C2 GOL H . 2.18 -39.04 -23.20
O2 GOL H . 2.57 -37.71 -23.23
C3 GOL H . 2.99 -39.87 -22.18
O3 GOL H . 4.34 -39.59 -22.41
H11 GOL H . 0.13 -38.82 -23.44
H12 GOL H . 0.49 -40.13 -22.70
H2 GOL H . 2.31 -39.36 -24.11
HO2 GOL H . 3.42 -37.68 -23.21
H31 GOL H . 2.77 -40.81 -22.31
H32 GOL H . 2.70 -39.66 -21.29
HO3 GOL H . 4.53 -38.93 -21.92
C1 GOL I . 2.96 -9.55 16.20
O1 GOL I . 4.33 -9.29 16.17
C2 GOL I . 2.52 -9.55 17.69
O2 GOL I . 1.63 -8.52 17.95
C3 GOL I . 1.89 -10.94 17.95
O3 GOL I . 2.93 -11.86 18.07
H11 GOL I . 2.75 -10.41 15.80
H12 GOL I . 2.45 -8.89 15.71
HO1 GOL I . 4.44 -8.51 16.49
H2 GOL I . 3.29 -9.41 18.25
HO2 GOL I . 1.29 -8.65 18.72
H31 GOL I . 1.27 -11.15 17.22
H32 GOL I . 1.34 -10.89 18.75
HO3 GOL I . 2.58 -12.61 18.23
C1 PEG J . -22.43 -9.02 -17.13
O1 PEG J . -23.43 -9.95 -16.74
C2 PEG J . -22.85 -7.61 -16.87
O2 PEG J . -21.80 -6.73 -17.27
C3 PEG J . -21.84 -5.48 -16.58
C4 PEG J . -20.70 -4.62 -17.06
O4 PEG J . -19.85 -4.26 -15.98
H11 PEG J . -21.61 -9.20 -16.63
H12 PEG J . -22.25 -9.13 -18.07
HO1 PEG J . -23.21 -10.76 -16.86
H21 PEG J . -23.64 -7.41 -17.38
H22 PEG J . -23.02 -7.50 -15.92
H31 PEG J . -22.68 -5.03 -16.77
H32 PEG J . -21.75 -5.64 -15.63
H41 PEG J . -21.05 -3.82 -17.46
H42 PEG J . -20.18 -5.12 -17.71
HO4 PEG J . -19.16 -3.83 -16.21
C1 GOL K . 4.78 4.20 -8.26
O1 GOL K . 6.10 4.64 -8.32
C2 GOL K . 4.40 4.08 -6.76
O2 GOL K . 3.26 3.31 -6.58
C3 GOL K . 5.65 3.46 -6.08
O3 GOL K . 5.22 2.85 -4.90
H11 GOL K . 4.16 4.81 -8.69
H12 GOL K . 4.65 3.34 -8.70
HO1 GOL K . 6.31 4.66 -9.14
H2 GOL K . 4.20 4.95 -6.39
HO2 GOL K . 3.31 2.95 -5.80
H31 GOL K . 6.30 4.17 -5.93
H32 GOL K . 6.08 2.85 -6.70
HO3 GOL K . 5.50 2.05 -4.93
O5 A2G L . -11.41 -24.08 -7.79
C1 A2G L . -10.49 -23.57 -8.73
C2 A2G L . -10.34 -22.05 -8.84
N2 A2G L . -8.98 -21.71 -9.24
C3 A2G L . -10.71 -21.31 -7.57
O3 A2G L . -10.87 -19.94 -7.86
C4 A2G L . -12.00 -21.85 -7.00
O4 A2G L . -13.05 -21.75 -7.94
C5 A2G L . -11.80 -23.32 -6.65
C6 A2G L . -13.09 -23.95 -6.13
O6 A2G L . -13.76 -23.12 -5.21
C7 A2G L . -8.73 -20.98 -10.33
O7 A2G L . -9.60 -20.48 -11.04
C8 A2G L . -7.28 -20.76 -10.68
H1 A2G L . -10.83 -23.91 -9.70
H2 A2G L . -11.02 -21.69 -9.61
HN2 A2G L . -8.21 -22.05 -8.67
H3 A2G L . -9.90 -21.43 -6.85
HO3 A2G L . -10.48 -19.76 -8.75
H4 A2G L . -12.26 -21.27 -6.12
HO4 A2G L . -12.73 -21.26 -8.73
H5 A2G L . -11.05 -23.38 -5.86
H61 A2G L . -12.85 -24.90 -5.64
H81 A2G L . -7.08 -21.14 -11.68
H82 A2G L . -7.07 -19.68 -10.66
H83 A2G L . -6.64 -21.26 -9.95
H62 A2G L . -13.75 -24.16 -6.97
HO6 A2G L . -13.14 -22.46 -4.85
MN MN M . -6.16 19.48 9.20
MN MN N . 14.56 14.70 13.81
N1 UDP O . -9.24 19.08 2.00
C2 UDP O . -9.91 19.41 0.82
N3 UDP O . -9.78 18.50 -0.20
C4 UDP O . -9.06 17.32 -0.16
C5 UDP O . -8.41 17.05 1.08
C6 UDP O . -8.51 17.91 2.10
O2 UDP O . -10.56 20.44 0.71
O4 UDP O . -9.04 16.60 -1.17
C1' UDP O . -9.34 20.01 3.12
C2' UDP O . -9.54 19.34 4.47
O2' UDP O . -10.92 19.08 4.72
C3' UDP O . -8.98 20.39 5.43
C4' UDP O . -7.84 21.01 4.61
O4' UDP O . -8.12 20.72 3.22
O3' UDP O . -9.94 21.39 5.76
C5' UDP O . -6.46 20.51 4.96
O5' UDP O . -6.47 19.06 5.02
PA UDP O . -6.21 18.29 6.37
O1A UDP O . -7.30 18.67 7.30
O2A UDP O . -5.99 16.80 6.11
O3A UDP O . -4.82 18.85 6.89
PB UDP O . -4.07 18.24 8.15
O1B UDP O . -3.75 19.48 8.99
O2B UDP O . -5.17 17.42 8.84
O3B UDP O . -2.87 17.46 7.76
HN3 UDP O . -10.18 18.69 -0.94
H5 UDP O . -7.91 16.27 1.18
H6 UDP O . -8.08 17.73 2.90
H1' UDP O . -10.07 20.64 2.97
H2' UDP O . -9.03 18.52 4.52
HO2' UDP O . -10.99 18.52 5.36
H3' UDP O . -8.64 19.97 6.22
H4' UDP O . -7.87 21.98 4.73
HO3' UDP O . -10.59 21.35 5.21
H5'1 UDP O . -6.19 20.86 5.82
H5'2 UDP O . -5.82 20.80 4.29
C1 GOL P . 20.07 12.38 -14.09
O1 GOL P . 20.26 13.05 -12.89
C2 GOL P . 19.55 10.96 -13.75
O2 GOL P . 19.76 10.64 -12.42
C3 GOL P . 18.05 10.98 -14.12
O3 GOL P . 17.62 9.65 -14.17
C1 GOL Q . -2.20 26.01 27.29
O1 GOL Q . -2.66 27.32 27.35
C2 GOL Q . -3.43 25.11 26.98
O2 GOL Q . -3.24 24.35 25.84
C3 GOL Q . -3.62 24.25 28.25
O3 GOL Q . -4.74 23.45 28.03
H11 GOL Q . -1.79 25.72 28.12
H12 GOL Q . -1.53 25.88 26.60
HO1 GOL Q . -1.99 27.80 27.54
H2 GOL Q . -4.21 25.66 26.81
HO2 GOL Q . -3.97 23.91 25.70
H31 GOL Q . -3.70 24.84 29.02
H32 GOL Q . -2.80 23.74 28.40
HO3 GOL Q . -4.84 22.98 28.72
C1 GOL R . -23.33 9.32 14.78
O1 GOL R . -23.64 8.34 13.84
C2 GOL R . -21.80 9.25 15.00
O2 GOL R . -21.10 9.76 13.92
C3 GOL R . -21.55 10.05 16.29
O3 GOL R . -22.35 11.19 16.24
H11 GOL R . -23.78 9.17 15.63
H12 GOL R . -23.58 10.21 14.50
HO1 GOL R . -24.48 8.38 13.72
H2 GOL R . -21.51 8.33 15.09
HO2 GOL R . -20.27 9.68 14.08
H31 GOL R . -20.60 10.25 16.35
H32 GOL R . -21.73 9.49 17.05
HO3 GOL R . -22.15 11.66 16.92
C1 GOL S . 0.24 18.52 -18.79
O1 GOL S . -0.67 18.69 -17.75
C2 GOL S . 0.36 17.00 -19.06
O2 GOL S . -0.87 16.42 -19.31
C3 GOL S . 1.32 16.89 -20.27
O3 GOL S . 2.53 16.41 -19.77
H11 GOL S . 1.12 18.88 -18.58
H12 GOL S . -0.03 18.97 -19.60
HO1 GOL S . -1.25 18.08 -17.84
H2 GOL S . 0.72 16.55 -18.28
HO2 GOL S . -0.74 15.59 -19.44
H31 GOL S . 1.39 17.75 -20.70
H32 GOL S . 0.91 16.30 -20.94
HO3 GOL S . 2.95 16.07 -20.44
C1 GOL T . 44.94 0.65 12.05
O1 GOL T . 44.95 -0.65 12.55
C2 GOL T . 43.46 1.05 11.84
O2 GOL T . 42.88 1.55 12.99
C3 GOL T . 43.49 2.09 10.69
O3 GOL T . 42.37 2.91 10.85
H11 GOL T . 45.41 0.72 11.20
H12 GOL T . 45.36 1.28 12.64
H2 GOL T . 42.92 0.28 11.59
HO2 GOL T . 42.51 2.29 12.80
H31 GOL T . 43.50 1.62 9.84
H32 GOL T . 44.33 2.57 10.73
HO3 GOL T . 41.69 2.40 10.87
C1 PEG U . 27.49 19.00 14.02
O1 PEG U . 26.44 18.66 14.90
C2 PEG U . 27.65 20.48 13.88
O2 PEG U . 27.90 20.81 12.52
C3 PEG U . 27.86 22.20 12.27
C4 PEG U . 27.81 22.45 10.79
O4 PEG U . 27.74 23.84 10.50
H11 PEG U . 27.32 18.61 13.15
H12 PEG U . 28.33 18.63 14.37
HO1 PEG U . 26.15 17.86 14.81
H21 PEG U . 28.39 20.78 14.43
H22 PEG U . 26.83 20.92 14.18
H31 PEG U . 27.08 22.59 12.69
H32 PEG U . 28.66 22.62 12.63
H41 PEG U . 27.02 22.01 10.42
H42 PEG U . 28.60 22.08 10.37
HO4 PEG U . 27.11 24.24 10.89
C1 GOL V . 24.70 30.58 -3.71
O1 GOL V . 24.65 31.29 -2.50
C2 GOL V . 24.19 31.55 -4.81
O2 GOL V . 24.83 32.77 -4.77
C3 GOL V . 24.43 30.80 -6.14
O3 GOL V . 23.17 30.51 -6.69
H11 GOL V . 24.14 29.79 -3.70
H12 GOL V . 25.59 30.28 -3.93
HO1 GOL V . 25.07 30.81 -1.93
H2 GOL V . 23.24 31.75 -4.69
HO2 GOL V . 24.96 32.98 -3.95
H31 GOL V . 24.97 30.02 -5.97
H32 GOL V . 24.99 31.36 -6.72
HO3 GOL V . 23.28 29.83 -7.17
#